data_7DOO
#
_entry.id   7DOO
#
_cell.length_a   120.108
_cell.length_b   69.425
_cell.length_c   84.632
_cell.angle_alpha   90.00
_cell.angle_beta   90.05
_cell.angle_gamma   90.00
#
_symmetry.space_group_name_H-M   'C 1 2 1'
#
loop_
_entity.id
_entity.type
_entity.pdbx_description
1 polymer Beta-lactamase
2 non-polymer (2S,5R)-1-formyl-5-[(sulfooxy)amino]piperidine-2-carboxamide
3 water water
#
_entity_poly.entity_id   1
_entity_poly.type   'polypeptide(L)'
_entity_poly.pdbx_seq_one_letter_code
;GPLGSARDATVSDAASPVGAAPASFAALERAAGGRLGVCAIDTATGRRALHRADERFPFCSTFKAMLGAAVLAQSVAHPG
LLQQRVTYGRSDLVNYSPVTERHVDTGMTVAELCAATIQYSDNTAANELMKRIGGPAAVTAYARSIGDDTFRLDRWETEL
NTALPGDLRDTTTPAAMAANLRVLVLGDALPPAQRAQLIEWLRGNKVGDKRIRAGVPTGWRVGDKTGTGDYGTTNDVGVL
WPPSRAPIVLAVYYTQTRADAKAKDDVIAAATRIASATLA
;
_entity_poly.pdbx_strand_id   A,B,C
#
# COMPACT_ATOMS: atom_id res chain seq x y z
N ALA A 21 45.24 19.55 1.41
CA ALA A 21 44.03 18.73 1.58
C ALA A 21 43.99 18.15 2.98
N PRO A 22 42.79 18.03 3.56
CA PRO A 22 42.65 17.40 4.88
C PRO A 22 43.20 15.98 4.86
N ALA A 23 43.94 15.61 5.89
CA ALA A 23 44.68 14.36 5.89
C ALA A 23 44.05 13.30 6.78
N SER A 24 43.06 13.67 7.56
CA SER A 24 42.36 12.71 8.39
C SER A 24 40.86 12.92 8.31
N PHE A 25 40.10 11.94 8.74
CA PHE A 25 38.64 12.07 8.75
C PHE A 25 38.23 13.24 9.64
N ALA A 26 38.84 13.33 10.82
CA ALA A 26 38.51 14.40 11.76
C ALA A 26 38.79 15.77 11.13
N ALA A 27 39.93 15.89 10.46
CA ALA A 27 40.30 17.15 9.80
C ALA A 27 39.37 17.49 8.65
N LEU A 28 38.90 16.45 7.95
CA LEU A 28 38.01 16.66 6.82
C LEU A 28 36.65 17.17 7.31
N GLU A 29 36.19 16.59 8.40
CA GLU A 29 34.93 17.00 9.02
C GLU A 29 35.00 18.45 9.46
N ARG A 30 36.12 18.85 10.05
CA ARG A 30 36.27 20.23 10.50
C ARG A 30 36.30 21.22 9.33
N ALA A 31 36.96 20.83 8.25
CA ALA A 31 37.04 21.65 7.06
C ALA A 31 35.67 21.81 6.39
N ALA A 32 34.93 20.71 6.29
CA ALA A 32 33.65 20.71 5.58
C ALA A 32 32.48 21.22 6.41
N GLY A 33 32.60 21.15 7.73
CA GLY A 33 31.47 21.34 8.62
C GLY A 33 30.59 20.09 8.59
N GLY A 34 29.57 20.06 9.45
CA GLY A 34 28.65 18.93 9.43
C GLY A 34 29.20 17.73 10.19
N ARG A 35 28.67 16.55 9.84
CA ARG A 35 28.95 15.33 10.57
C ARG A 35 29.28 14.24 9.56
N LEU A 36 30.48 13.68 9.67
CA LEU A 36 30.99 12.70 8.73
C LEU A 36 31.10 11.33 9.41
N GLY A 37 30.69 10.29 8.70
CA GLY A 37 30.78 8.93 9.19
C GLY A 37 31.46 8.02 8.20
N VAL A 38 32.52 7.33 8.64
CA VAL A 38 33.25 6.44 7.75
C VAL A 38 33.53 5.09 8.40
N CYS A 39 33.31 4.03 7.63
CA CYS A 39 33.85 2.73 8.00
C CYS A 39 34.47 2.11 6.76
N ALA A 40 35.79 1.87 6.83
CA ALA A 40 36.48 1.19 5.75
C ALA A 40 37.16 -0.05 6.30
N ILE A 41 36.98 -1.16 5.62
CA ILE A 41 37.51 -2.45 6.07
C ILE A 41 38.47 -2.99 5.04
N ASP A 42 39.69 -3.29 5.46
CA ASP A 42 40.65 -3.99 4.59
C ASP A 42 40.36 -5.47 4.78
N THR A 43 39.84 -6.11 3.74
CA THR A 43 39.35 -7.48 3.90
C THR A 43 40.48 -8.51 4.02
N ALA A 44 41.69 -8.11 3.67
CA ALA A 44 42.85 -9.00 3.80
C ALA A 44 43.21 -9.21 5.27
N THR A 45 43.28 -8.10 6.01
CA THR A 45 43.79 -8.10 7.36
C THR A 45 42.73 -7.82 8.41
N GLY A 46 41.61 -7.23 7.97
CA GLY A 46 40.55 -6.88 8.90
C GLY A 46 40.81 -5.58 9.62
N ARG A 47 41.86 -4.86 9.22
CA ARG A 47 42.09 -3.52 9.74
C ARG A 47 40.94 -2.62 9.30
N ARG A 48 40.55 -1.69 10.17
CA ARG A 48 39.47 -0.75 9.85
C ARG A 48 39.97 0.69 9.91
N ALA A 49 39.42 1.55 9.06
CA ALA A 49 39.59 2.99 9.18
C ALA A 49 38.21 3.54 9.54
N LEU A 50 38.13 4.31 10.62
CA LEU A 50 36.85 4.64 11.23
C LEU A 50 36.73 6.12 11.59
N HIS A 51 35.51 6.65 11.44
CA HIS A 51 35.17 7.93 12.04
C HIS A 51 33.67 7.91 12.26
N ARG A 52 33.24 8.11 13.51
CA ARG A 52 31.83 8.00 13.88
C ARG A 52 31.16 6.77 13.28
N ALA A 53 31.89 5.65 13.24
CA ALA A 53 31.44 4.45 12.55
C ALA A 53 30.18 3.82 13.16
N ASP A 54 29.93 4.14 14.43
CA ASP A 54 28.76 3.59 15.11
C ASP A 54 27.66 4.63 15.35
N GLU A 55 27.79 5.80 14.73
CA GLU A 55 26.72 6.81 14.76
C GLU A 55 25.71 6.55 13.66
N ARG A 56 24.46 6.94 13.89
CA ARG A 56 23.42 6.80 12.87
C ARG A 56 23.42 7.97 11.89
N PHE A 57 23.18 7.67 10.63
CA PHE A 57 23.05 8.67 9.58
C PHE A 57 21.86 8.29 8.70
N PRO A 58 21.21 9.30 8.11
CA PRO A 58 20.13 9.02 7.15
C PRO A 58 20.75 8.41 5.88
N PHE A 59 20.29 7.23 5.49
CA PHE A 59 20.99 6.50 4.44
C PHE A 59 20.62 6.93 3.03
N CYS A 60 19.45 7.57 2.90
CA CYS A 60 18.95 8.03 1.61
C CYS A 60 19.04 6.89 0.59
N SER A 61 19.50 7.17 -0.62
CA SER A 61 19.47 6.16 -1.69
C SER A 61 20.33 4.92 -1.44
N THR A 62 21.22 4.96 -0.46
CA THR A 62 22.12 3.84 -0.30
C THR A 62 21.40 2.56 0.10
N PHE A 63 20.19 2.68 0.64
CA PHE A 63 19.42 1.50 1.01
C PHE A 63 19.06 0.68 -0.22
N LYS A 64 19.14 1.29 -1.40
CA LYS A 64 18.76 0.60 -2.62
C LYS A 64 19.66 -0.62 -2.87
N ALA A 65 20.87 -0.60 -2.33
CA ALA A 65 21.73 -1.76 -2.42
C ALA A 65 21.12 -2.90 -1.61
N MET A 66 20.58 -2.56 -0.43
CA MET A 66 19.93 -3.54 0.42
C MET A 66 18.63 -4.04 -0.19
N LEU A 67 17.89 -3.12 -0.82
CA LEU A 67 16.65 -3.47 -1.50
C LEU A 67 16.92 -4.48 -2.61
N GLY A 68 17.97 -4.24 -3.41
CA GLY A 68 18.35 -5.16 -4.47
C GLY A 68 18.69 -6.53 -3.92
N ALA A 69 19.47 -6.56 -2.84
CA ALA A 69 19.82 -7.82 -2.20
C ALA A 69 18.58 -8.53 -1.68
N ALA A 70 17.65 -7.79 -1.10
CA ALA A 70 16.42 -8.39 -0.58
C ALA A 70 15.59 -9.04 -1.68
N VAL A 71 15.52 -8.37 -2.84
CA VAL A 71 14.82 -8.93 -3.99
C VAL A 71 15.51 -10.20 -4.50
N LEU A 72 16.84 -10.13 -4.65
CA LEU A 72 17.61 -11.30 -5.06
C LEU A 72 17.42 -12.46 -4.09
N ALA A 73 17.37 -12.16 -2.79
CA ALA A 73 17.18 -13.22 -1.79
C ALA A 73 15.80 -13.85 -1.91
N GLN A 74 14.79 -13.03 -2.19
CA GLN A 74 13.45 -13.59 -2.39
C GLN A 74 13.41 -14.45 -3.66
N SER A 75 14.27 -14.12 -4.62
CA SER A 75 14.31 -14.85 -5.89
C SER A 75 14.91 -16.25 -5.74
N VAL A 76 15.56 -16.51 -4.60
CA VAL A 76 16.11 -17.84 -4.34
C VAL A 76 14.97 -18.83 -4.09
N ALA A 77 13.95 -18.39 -3.36
CA ALA A 77 12.77 -19.22 -3.14
C ALA A 77 11.84 -19.19 -4.36
N HIS A 78 11.70 -18.04 -5.00
CA HIS A 78 10.89 -17.91 -6.20
C HIS A 78 11.70 -17.37 -7.38
N PRO A 79 12.43 -18.26 -8.07
CA PRO A 79 13.23 -17.91 -9.25
C PRO A 79 12.46 -17.13 -10.31
N GLY A 80 11.14 -17.22 -10.32
CA GLY A 80 10.34 -16.49 -11.29
C GLY A 80 10.15 -15.01 -10.94
N LEU A 81 10.51 -14.63 -9.72
CA LEU A 81 10.32 -13.26 -9.27
C LEU A 81 10.95 -12.22 -10.18
N LEU A 82 12.21 -12.44 -10.57
CA LEU A 82 12.96 -11.47 -11.36
C LEU A 82 12.29 -11.23 -12.70
N GLN A 83 11.49 -12.19 -13.13
CA GLN A 83 10.79 -12.22 -14.41
C GLN A 83 9.52 -11.39 -14.42
N GLN A 84 8.95 -11.17 -13.24
CA GLN A 84 7.61 -10.61 -13.13
C GLN A 84 7.51 -9.18 -13.62
N ARG A 85 6.47 -8.90 -14.40
CA ARG A 85 6.25 -7.56 -14.90
C ARG A 85 5.45 -6.76 -13.89
N VAL A 86 5.92 -5.55 -13.64
CA VAL A 86 5.28 -4.64 -12.72
C VAL A 86 4.77 -3.46 -13.53
N THR A 87 3.46 -3.25 -13.48
CA THR A 87 2.91 -2.11 -14.18
C THR A 87 2.60 -1.07 -13.13
N TYR A 88 2.78 0.19 -13.51
CA TYR A 88 2.56 1.31 -12.59
C TYR A 88 2.01 2.44 -13.44
N GLY A 89 1.43 3.44 -12.80
CA GLY A 89 0.82 4.53 -13.55
C GLY A 89 1.51 5.87 -13.39
N ARG A 90 0.99 6.87 -14.10
CA ARG A 90 1.53 8.22 -14.03
C ARG A 90 1.59 8.72 -12.59
N SER A 91 0.53 8.48 -11.82
CA SER A 91 0.49 8.96 -10.44
C SER A 91 1.37 8.18 -9.46
N ASP A 92 1.96 7.08 -9.91
CA ASP A 92 2.95 6.34 -9.10
C ASP A 92 4.33 6.94 -9.24
N LEU A 93 4.52 7.81 -10.22
CA LEU A 93 5.83 8.40 -10.45
C LEU A 93 6.17 9.43 -9.39
N VAL A 94 7.31 9.22 -8.72
CA VAL A 94 7.80 10.23 -7.79
C VAL A 94 9.04 10.88 -8.37
N ASN A 95 9.49 11.97 -7.75
CA ASN A 95 10.65 12.70 -8.23
C ASN A 95 11.90 11.82 -8.38
N TYR A 96 12.69 12.09 -9.41
CA TYR A 96 13.96 11.40 -9.70
C TYR A 96 13.74 9.95 -10.13
N SER A 97 13.01 9.79 -11.23
CA SER A 97 12.72 8.49 -11.79
C SER A 97 13.02 8.48 -13.28
N PRO A 98 14.32 8.59 -13.64
CA PRO A 98 14.68 8.78 -15.05
C PRO A 98 14.45 7.56 -15.94
N VAL A 99 14.43 6.36 -15.37
CA VAL A 99 14.19 5.15 -16.16
C VAL A 99 12.70 4.82 -16.18
N THR A 100 12.09 4.77 -15.00
CA THR A 100 10.69 4.36 -14.90
C THR A 100 9.72 5.31 -15.62
N GLU A 101 10.09 6.59 -15.72
CA GLU A 101 9.20 7.55 -16.38
C GLU A 101 9.13 7.27 -17.88
N ARG A 102 10.08 6.49 -18.38
CA ARG A 102 10.10 6.14 -19.81
C ARG A 102 9.28 4.90 -20.15
N HIS A 103 8.72 4.25 -19.13
CA HIS A 103 8.05 2.95 -19.32
C HIS A 103 6.70 2.84 -18.62
N VAL A 104 6.03 3.98 -18.44
CA VAL A 104 4.68 3.98 -17.88
C VAL A 104 3.75 3.09 -18.70
N ASP A 105 3.99 3.04 -20.01
CA ASP A 105 3.15 2.31 -20.95
C ASP A 105 3.32 0.79 -20.96
N THR A 106 4.55 0.32 -20.75
CA THR A 106 4.83 -1.11 -20.78
C THR A 106 4.95 -1.72 -19.40
N GLY A 107 5.30 -0.91 -18.42
CA GLY A 107 5.75 -1.44 -17.14
C GLY A 107 7.19 -1.93 -17.31
N MET A 108 7.75 -2.51 -16.26
CA MET A 108 9.13 -3.03 -16.31
C MET A 108 9.18 -4.33 -15.49
N THR A 109 10.16 -5.19 -15.77
CA THR A 109 10.28 -6.38 -14.93
C THR A 109 10.97 -6.06 -13.60
N VAL A 110 10.80 -6.96 -12.63
CA VAL A 110 11.46 -6.83 -11.33
C VAL A 110 12.97 -6.64 -11.51
N ALA A 111 13.59 -7.45 -12.37
CA ALA A 111 15.04 -7.31 -12.60
C ALA A 111 15.39 -5.95 -13.18
N GLU A 112 14.57 -5.48 -14.12
CA GLU A 112 14.76 -4.16 -14.73
C GLU A 112 14.65 -3.03 -13.70
N LEU A 113 13.70 -3.16 -12.77
CA LEU A 113 13.53 -2.17 -11.72
C LEU A 113 14.71 -2.18 -10.77
N CYS A 114 15.26 -3.37 -10.50
CA CYS A 114 16.47 -3.46 -9.67
C CYS A 114 17.64 -2.75 -10.32
N ALA A 115 17.86 -3.00 -11.61
CA ALA A 115 18.95 -2.33 -12.31
C ALA A 115 18.74 -0.81 -12.32
N ALA A 116 17.49 -0.38 -12.53
CA ALA A 116 17.20 1.04 -12.58
C ALA A 116 17.43 1.70 -11.22
N THR A 117 17.03 1.03 -10.15
CA THR A 117 17.15 1.64 -8.83
C THR A 117 18.60 1.66 -8.33
N ILE A 118 19.41 0.69 -8.71
CA ILE A 118 20.79 0.69 -8.26
C ILE A 118 21.70 1.51 -9.18
N GLN A 119 21.53 1.35 -10.49
CA GLN A 119 22.43 2.00 -11.45
C GLN A 119 22.08 3.46 -11.73
N TYR A 120 20.78 3.79 -11.70
CA TYR A 120 20.36 5.16 -11.92
C TYR A 120 19.70 5.81 -10.72
N SER A 121 19.62 5.06 -9.62
CA SER A 121 19.04 5.54 -8.37
C SER A 121 17.56 5.93 -8.52
N ASP A 122 16.88 5.26 -9.44
CA ASP A 122 15.49 5.58 -9.77
C ASP A 122 14.56 5.37 -8.57
N ASN A 123 13.81 6.41 -8.20
CA ASN A 123 13.00 6.36 -6.99
C ASN A 123 11.70 5.57 -7.12
N THR A 124 11.02 5.75 -8.24
CA THR A 124 9.80 4.99 -8.47
C THR A 124 10.13 3.50 -8.53
N ALA A 125 11.28 3.17 -9.12
CA ALA A 125 11.68 1.77 -9.21
C ALA A 125 11.78 1.16 -7.80
N ALA A 126 12.37 1.92 -6.87
CA ALA A 126 12.47 1.45 -5.49
C ALA A 126 11.10 1.22 -4.85
N ASN A 127 10.20 2.19 -5.02
CA ASN A 127 8.85 2.06 -4.47
C ASN A 127 8.11 0.87 -5.07
N GLU A 128 8.24 0.69 -6.38
CA GLU A 128 7.53 -0.40 -7.02
C GLU A 128 8.06 -1.76 -6.60
N LEU A 129 9.38 -1.87 -6.43
CA LEU A 129 9.95 -3.10 -5.90
C LEU A 129 9.45 -3.35 -4.47
N MET A 130 9.41 -2.31 -3.65
CA MET A 130 8.95 -2.47 -2.27
C MET A 130 7.49 -2.88 -2.17
N LYS A 131 6.65 -2.37 -3.05
CA LYS A 131 5.25 -2.81 -3.11
C LYS A 131 5.17 -4.30 -3.37
N ARG A 132 6.03 -4.78 -4.26
CA ARG A 132 6.03 -6.20 -4.59
C ARG A 132 6.52 -7.11 -3.46
N ILE A 133 7.55 -6.69 -2.72
CA ILE A 133 8.18 -7.60 -1.77
C ILE A 133 7.76 -7.44 -0.31
N GLY A 134 6.94 -6.44 -0.01
CA GLY A 134 6.42 -6.29 1.33
C GLY A 134 6.78 -5.00 2.05
N GLY A 135 7.20 -3.99 1.29
CA GLY A 135 7.40 -2.66 1.85
C GLY A 135 8.64 -2.47 2.68
N PRO A 136 8.72 -1.32 3.37
CA PRO A 136 9.88 -0.98 4.20
C PRO A 136 10.17 -2.08 5.22
N ALA A 137 9.12 -2.67 5.78
CA ALA A 137 9.32 -3.72 6.78
C ALA A 137 10.04 -4.94 6.21
N ALA A 138 9.77 -5.26 4.95
CA ALA A 138 10.42 -6.38 4.27
C ALA A 138 11.91 -6.13 4.09
N VAL A 139 12.29 -4.88 3.80
CA VAL A 139 13.71 -4.59 3.63
C VAL A 139 14.40 -4.66 4.98
N THR A 140 13.74 -4.15 6.01
CA THR A 140 14.30 -4.21 7.36
C THR A 140 14.44 -5.65 7.84
N ALA A 141 13.41 -6.46 7.56
CA ALA A 141 13.47 -7.89 7.89
C ALA A 141 14.65 -8.57 7.18
N TYR A 142 14.89 -8.22 5.93
CA TYR A 142 16.02 -8.79 5.21
C TYR A 142 17.34 -8.41 5.87
N ALA A 143 17.48 -7.15 6.26
CA ALA A 143 18.67 -6.73 6.98
C ALA A 143 18.90 -7.58 8.23
N ARG A 144 17.85 -7.83 9.01
CA ARG A 144 17.99 -8.67 10.20
C ARG A 144 18.45 -10.07 9.83
N SER A 145 17.98 -10.56 8.68
CA SER A 145 18.28 -11.93 8.27
C SER A 145 19.76 -12.11 7.94
N ILE A 146 20.46 -11.02 7.62
CA ILE A 146 21.90 -11.11 7.36
C ILE A 146 22.72 -10.59 8.54
N GLY A 147 22.07 -10.38 9.68
CA GLY A 147 22.80 -10.06 10.89
C GLY A 147 22.96 -8.58 11.16
N ASP A 148 22.21 -7.76 10.43
CA ASP A 148 22.18 -6.33 10.65
C ASP A 148 20.97 -5.97 11.52
N ASP A 149 21.22 -5.67 12.79
CA ASP A 149 20.15 -5.29 13.73
C ASP A 149 20.03 -3.78 13.84
N THR A 150 20.82 -3.08 13.04
CA THR A 150 20.95 -1.63 13.10
C THR A 150 20.08 -0.93 12.06
N PHE A 151 20.18 -1.38 10.82
CA PHE A 151 19.44 -0.82 9.71
C PHE A 151 17.94 -0.73 10.01
N ARG A 152 17.33 0.40 9.70
CA ARG A 152 15.88 0.47 9.71
C ARG A 152 15.36 1.31 8.54
N LEU A 153 14.50 0.71 7.74
CA LEU A 153 13.79 1.42 6.69
C LEU A 153 12.35 1.59 7.15
N ASP A 154 11.90 2.84 7.18
CA ASP A 154 10.61 3.19 7.78
C ASP A 154 9.62 3.75 6.78
N ARG A 155 10.12 4.46 5.77
CA ARG A 155 9.26 5.20 4.87
C ARG A 155 9.59 4.89 3.43
N TRP A 156 8.84 5.51 2.52
CA TRP A 156 8.96 5.27 1.08
C TRP A 156 9.69 6.42 0.40
N GLU A 157 9.97 6.31 -0.89
CA GLU A 157 10.50 7.47 -1.64
C GLU A 157 9.37 8.46 -1.92
N THR A 158 9.59 9.77 -1.75
CA THR A 158 10.88 10.37 -1.41
C THR A 158 11.00 10.80 0.04
N GLU A 159 9.98 10.52 0.83
CA GLU A 159 9.94 10.95 2.22
C GLU A 159 11.15 10.46 3.04
N LEU A 160 11.70 9.30 2.67
CA LEU A 160 12.77 8.70 3.46
C LEU A 160 14.06 9.53 3.43
N ASN A 161 14.09 10.57 2.60
CA ASN A 161 15.27 11.42 2.48
C ASN A 161 15.21 12.70 3.27
N THR A 162 14.24 12.82 4.18
CA THR A 162 14.12 14.06 4.95
C THR A 162 15.35 14.34 5.84
N ALA A 163 16.00 13.29 6.33
CA ALA A 163 17.30 13.41 6.99
C ALA A 163 17.30 14.40 8.15
N LEU A 164 16.20 14.43 8.91
CA LEU A 164 16.04 15.38 10.01
C LEU A 164 17.02 15.04 11.13
N PRO A 165 17.76 16.05 11.63
CA PRO A 165 18.60 15.78 12.81
C PRO A 165 17.74 15.26 13.96
N GLY A 166 18.17 14.18 14.59
CA GLY A 166 17.44 13.62 15.72
C GLY A 166 16.44 12.55 15.37
N ASP A 167 16.20 12.34 14.07
CA ASP A 167 15.22 11.35 13.62
C ASP A 167 15.95 10.05 13.30
N LEU A 168 15.50 8.93 13.88
CA LEU A 168 16.14 7.65 13.62
C LEU A 168 15.52 6.89 12.46
N ARG A 169 14.42 7.39 11.91
CA ARG A 169 13.83 6.72 10.75
C ARG A 169 14.82 6.69 9.59
N ASP A 170 14.85 5.57 8.88
CA ASP A 170 15.63 5.46 7.66
C ASP A 170 17.12 5.76 7.89
N THR A 171 17.65 5.16 8.95
CA THR A 171 19.06 5.31 9.29
C THR A 171 19.75 3.99 9.43
N THR A 172 21.07 4.05 9.31
CA THR A 172 21.93 2.96 9.72
C THR A 172 23.26 3.57 10.15
N THR A 173 24.24 2.73 10.47
CA THR A 173 25.58 3.24 10.80
C THR A 173 26.56 2.87 9.69
N PRO A 174 27.66 3.63 9.57
CA PRO A 174 28.65 3.26 8.56
C PRO A 174 29.17 1.84 8.77
N ALA A 175 29.44 1.47 10.02
CA ALA A 175 29.91 0.13 10.33
C ALA A 175 28.91 -0.97 9.96
N ALA A 176 27.62 -0.77 10.22
CA ALA A 176 26.62 -1.77 9.87
C ALA A 176 26.51 -1.92 8.36
N MET A 177 26.58 -0.81 7.62
CA MET A 177 26.41 -0.91 6.18
C MET A 177 27.65 -1.53 5.56
N ALA A 178 28.83 -1.22 6.11
CA ALA A 178 30.04 -1.84 5.59
C ALA A 178 30.01 -3.34 5.82
N ALA A 179 29.54 -3.76 7.00
CA ALA A 179 29.43 -5.19 7.28
C ALA A 179 28.47 -5.88 6.34
N ASN A 180 27.37 -5.21 6.00
CA ASN A 180 26.43 -5.78 5.06
C ASN A 180 27.04 -5.97 3.69
N LEU A 181 27.74 -4.96 3.22
CA LEU A 181 28.38 -5.05 1.92
C LEU A 181 29.43 -6.15 1.88
N ARG A 182 30.15 -6.32 2.97
CA ARG A 182 31.16 -7.37 3.03
C ARG A 182 30.52 -8.75 2.86
N VAL A 183 29.46 -9.03 3.61
CA VAL A 183 28.85 -10.36 3.51
C VAL A 183 28.08 -10.55 2.21
N LEU A 184 27.44 -9.50 1.70
CA LEU A 184 26.67 -9.58 0.46
C LEU A 184 27.52 -9.73 -0.79
N VAL A 185 28.58 -8.93 -0.87
CA VAL A 185 29.41 -8.88 -2.08
C VAL A 185 30.56 -9.86 -2.01
N LEU A 186 31.16 -10.00 -0.83
CA LEU A 186 32.35 -10.83 -0.68
C LEU A 186 32.10 -12.12 0.12
N GLY A 187 30.96 -12.19 0.79
CA GLY A 187 30.64 -13.34 1.62
C GLY A 187 29.60 -14.23 0.97
N ASP A 188 28.95 -15.07 1.78
CA ASP A 188 27.96 -15.99 1.24
C ASP A 188 26.53 -15.72 1.68
N ALA A 189 26.20 -14.45 1.94
CA ALA A 189 24.82 -14.11 2.30
C ALA A 189 23.86 -14.47 1.17
N LEU A 190 24.33 -14.34 -0.08
CA LEU A 190 23.57 -14.71 -1.25
C LEU A 190 24.24 -15.89 -1.95
N PRO A 191 23.45 -16.71 -2.67
CA PRO A 191 24.08 -17.77 -3.46
C PRO A 191 24.89 -17.13 -4.60
N PRO A 192 25.84 -17.88 -5.18
CA PRO A 192 26.75 -17.32 -6.18
C PRO A 192 26.08 -16.55 -7.34
N ALA A 193 24.97 -17.06 -7.87
CA ALA A 193 24.34 -16.41 -9.01
C ALA A 193 23.81 -15.03 -8.62
N GLN A 194 23.17 -14.97 -7.47
CA GLN A 194 22.60 -13.71 -7.01
C GLN A 194 23.69 -12.75 -6.54
N ARG A 195 24.75 -13.30 -5.95
CA ARG A 195 25.90 -12.50 -5.56
C ARG A 195 26.51 -11.83 -6.81
N ALA A 196 26.68 -12.61 -7.88
CA ALA A 196 27.21 -12.08 -9.12
C ALA A 196 26.31 -10.97 -9.67
N GLN A 197 25.00 -11.14 -9.55
CA GLN A 197 24.07 -10.14 -10.06
C GLN A 197 24.15 -8.83 -9.27
N LEU A 198 24.26 -8.94 -7.95
CA LEU A 198 24.35 -7.75 -7.13
C LEU A 198 25.61 -6.97 -7.49
N ILE A 199 26.72 -7.69 -7.66
CA ILE A 199 27.98 -7.07 -8.05
C ILE A 199 27.87 -6.36 -9.39
N GLU A 200 27.25 -7.00 -10.37
CA GLU A 200 27.04 -6.39 -11.69
C GLU A 200 26.24 -5.08 -11.58
N TRP A 201 25.19 -5.09 -10.79
CA TRP A 201 24.41 -3.87 -10.58
C TRP A 201 25.24 -2.77 -9.94
N LEU A 202 25.97 -3.08 -8.85
CA LEU A 202 26.76 -2.07 -8.16
C LEU A 202 27.92 -1.55 -9.02
N ARG A 203 28.56 -2.44 -9.78
CA ARG A 203 29.66 -1.99 -10.62
C ARG A 203 29.13 -1.05 -11.70
N GLY A 204 27.85 -1.21 -12.05
CA GLY A 204 27.24 -0.40 -13.07
C GLY A 204 26.59 0.90 -12.63
N ASN A 205 26.85 1.33 -11.39
CA ASN A 205 26.36 2.65 -10.95
C ASN A 205 26.77 3.73 -11.94
N LYS A 206 25.80 4.50 -12.42
CA LYS A 206 26.06 5.51 -13.43
C LYS A 206 26.12 6.92 -12.85
N VAL A 207 25.76 7.08 -11.58
CA VAL A 207 25.60 8.43 -11.03
C VAL A 207 26.53 8.76 -9.86
N GLY A 208 27.64 8.03 -9.75
CA GLY A 208 28.55 8.22 -8.65
C GLY A 208 29.98 8.61 -9.01
N ASP A 209 30.18 9.11 -10.23
CA ASP A 209 31.54 9.40 -10.67
C ASP A 209 32.30 10.44 -9.86
N LYS A 210 31.58 11.33 -9.18
CA LYS A 210 32.23 12.41 -8.43
C LYS A 210 32.48 12.10 -6.95
N ARG A 211 32.14 10.88 -6.54
CA ARG A 211 32.23 10.51 -5.13
C ARG A 211 33.32 9.46 -4.88
N ILE A 212 32.99 8.26 -4.44
CA ILE A 212 34.05 7.25 -4.20
C ILE A 212 34.93 7.05 -5.43
N ARG A 213 34.30 6.99 -6.60
CA ARG A 213 35.06 6.76 -7.82
C ARG A 213 36.07 7.87 -8.12
N ALA A 214 35.82 9.06 -7.59
CA ALA A 214 36.73 10.20 -7.79
C ALA A 214 37.90 10.20 -6.81
N GLY A 215 37.84 9.36 -5.78
CA GLY A 215 38.86 9.37 -4.73
C GLY A 215 39.77 8.16 -4.68
N VAL A 216 39.61 7.27 -5.66
N VAL A 216 39.53 7.23 -5.58
CA VAL A 216 40.51 6.12 -5.84
CA VAL A 216 40.17 5.93 -5.49
C VAL A 216 41.28 6.24 -7.16
C VAL A 216 41.44 5.94 -6.36
N PRO A 217 42.42 5.53 -7.26
N PRO A 217 42.52 5.29 -5.89
CA PRO A 217 43.12 5.50 -8.55
CA PRO A 217 43.77 5.22 -6.67
C PRO A 217 42.24 4.81 -9.59
C PRO A 217 43.54 4.65 -8.08
N THR A 218 42.38 5.18 -10.86
N THR A 218 44.50 4.85 -8.98
CA THR A 218 41.51 4.65 -11.90
CA THR A 218 44.35 4.40 -10.37
C THR A 218 41.73 3.16 -12.14
C THR A 218 44.15 2.89 -10.48
N GLY A 219 42.83 2.63 -11.61
N GLY A 219 43.30 2.49 -11.41
CA GLY A 219 43.11 1.21 -11.69
CA GLY A 219 43.11 1.07 -11.71
C GLY A 219 42.21 0.39 -10.77
C GLY A 219 42.20 0.34 -10.75
N TRP A 220 41.72 1.02 -9.72
CA TRP A 220 40.81 0.38 -8.77
C TRP A 220 39.43 0.29 -9.41
N ARG A 221 38.76 -0.85 -9.23
CA ARG A 221 37.40 -1.04 -9.74
C ARG A 221 36.44 -0.83 -8.57
N VAL A 222 35.29 -0.22 -8.85
CA VAL A 222 34.36 0.12 -7.78
C VAL A 222 32.95 -0.40 -8.06
N GLY A 223 32.32 -0.96 -7.04
CA GLY A 223 30.89 -1.25 -7.08
C GLY A 223 30.29 -0.49 -5.93
N ASP A 224 29.34 0.41 -6.19
CA ASP A 224 28.87 1.26 -5.11
C ASP A 224 27.45 1.75 -5.30
N LYS A 225 26.87 2.28 -4.23
CA LYS A 225 25.56 2.94 -4.32
C LYS A 225 25.63 4.27 -3.58
N THR A 226 25.34 5.35 -4.30
CA THR A 226 25.33 6.69 -3.74
C THR A 226 23.99 7.02 -3.07
N GLY A 227 23.95 8.10 -2.31
CA GLY A 227 22.70 8.62 -1.80
C GLY A 227 22.81 10.10 -1.50
N THR A 228 21.70 10.83 -1.64
CA THR A 228 21.70 12.27 -1.36
C THR A 228 20.35 12.63 -0.74
N GLY A 229 20.33 13.58 0.19
CA GLY A 229 19.08 13.97 0.81
C GLY A 229 19.09 15.38 1.33
N ASP A 230 18.02 15.63 2.09
CA ASP A 230 17.91 16.94 2.69
C ASP A 230 19.02 17.14 3.73
N TYR A 231 19.15 18.35 4.26
CA TYR A 231 20.26 18.71 5.15
C TYR A 231 21.60 18.42 4.49
N GLY A 232 21.66 18.63 3.17
CA GLY A 232 22.89 18.39 2.41
C GLY A 232 23.49 17.02 2.60
N THR A 233 22.66 16.01 2.79
CA THR A 233 23.15 14.67 3.07
C THR A 233 23.80 14.09 1.82
N THR A 234 25.03 13.58 1.98
CA THR A 234 25.84 13.11 0.86
C THR A 234 26.48 11.78 1.24
N ASN A 235 26.10 10.70 0.55
CA ASN A 235 26.51 9.36 0.95
C ASN A 235 27.04 8.55 -0.23
N ASP A 236 27.85 7.54 0.07
CA ASP A 236 28.27 6.58 -0.94
C ASP A 236 28.85 5.38 -0.21
N VAL A 237 28.40 4.17 -0.58
CA VAL A 237 28.88 2.94 0.06
C VAL A 237 29.20 1.95 -1.01
N GLY A 238 30.26 1.15 -0.80
CA GLY A 238 30.58 0.14 -1.77
C GLY A 238 31.80 -0.69 -1.49
N VAL A 239 32.23 -1.40 -2.53
CA VAL A 239 33.41 -2.23 -2.47
C VAL A 239 34.41 -1.77 -3.51
N LEU A 240 35.68 -1.72 -3.12
CA LEU A 240 36.76 -1.26 -3.98
C LEU A 240 37.69 -2.43 -4.23
N TRP A 241 38.00 -2.70 -5.50
CA TRP A 241 38.92 -3.76 -5.87
C TRP A 241 40.18 -3.16 -6.47
N PRO A 242 41.25 -3.04 -5.66
CA PRO A 242 42.55 -2.61 -6.18
C PRO A 242 43.12 -3.69 -7.11
N PRO A 243 44.05 -3.32 -7.99
CA PRO A 243 44.46 -4.32 -8.99
C PRO A 243 45.25 -5.48 -8.40
N SER A 244 46.05 -5.22 -7.37
CA SER A 244 46.99 -6.24 -6.88
C SER A 244 46.84 -6.54 -5.40
N ARG A 245 45.64 -6.35 -4.86
CA ARG A 245 45.44 -6.40 -3.42
C ARG A 245 44.00 -6.76 -3.11
N ALA A 246 43.75 -7.26 -1.91
CA ALA A 246 42.40 -7.66 -1.50
C ALA A 246 41.48 -6.46 -1.47
N PRO A 247 40.17 -6.69 -1.65
CA PRO A 247 39.17 -5.61 -1.67
C PRO A 247 39.07 -4.85 -0.35
N ILE A 248 38.65 -3.59 -0.46
CA ILE A 248 38.34 -2.77 0.69
C ILE A 248 36.85 -2.43 0.62
N VAL A 249 36.15 -2.59 1.74
CA VAL A 249 34.76 -2.20 1.82
C VAL A 249 34.70 -0.79 2.40
N LEU A 250 33.92 0.10 1.79
CA LEU A 250 33.92 1.49 2.24
C LEU A 250 32.51 2.04 2.35
N ALA A 251 32.13 2.48 3.55
CA ALA A 251 30.85 3.16 3.72
C ALA A 251 31.10 4.59 4.17
N VAL A 252 30.57 5.55 3.41
CA VAL A 252 30.74 6.96 3.77
C VAL A 252 29.38 7.68 3.86
N TYR A 253 29.12 8.26 5.02
CA TYR A 253 27.89 9.01 5.24
C TYR A 253 28.25 10.42 5.70
N TYR A 254 27.48 11.40 5.25
CA TYR A 254 27.78 12.80 5.59
C TYR A 254 26.49 13.60 5.61
N THR A 255 26.33 14.43 6.63
CA THR A 255 25.12 15.25 6.70
C THR A 255 25.46 16.58 7.36
N GLN A 256 24.60 17.58 7.18
CA GLN A 256 24.97 18.95 7.56
C GLN A 256 23.92 19.62 8.44
N THR A 257 24.24 20.81 8.96
CA THR A 257 23.40 21.42 9.97
C THR A 257 22.17 22.13 9.41
N ARG A 258 22.31 22.79 8.26
CA ARG A 258 21.19 23.55 7.69
C ARG A 258 20.36 22.70 6.74
N ALA A 259 19.04 22.90 6.77
CA ALA A 259 18.14 22.09 5.96
C ALA A 259 18.39 22.26 4.46
N ASP A 260 18.79 23.46 4.07
CA ASP A 260 19.03 23.76 2.65
C ASP A 260 20.50 23.66 2.25
N ALA A 261 21.31 22.97 3.06
CA ALA A 261 22.71 22.79 2.75
C ALA A 261 22.87 22.07 1.41
N LYS A 262 23.96 22.35 0.72
CA LYS A 262 24.22 21.73 -0.58
C LYS A 262 25.02 20.45 -0.38
N ALA A 263 24.69 19.41 -1.13
CA ALA A 263 25.47 18.17 -1.11
C ALA A 263 26.92 18.46 -1.48
N LYS A 264 27.84 17.71 -0.90
CA LYS A 264 29.27 17.90 -1.15
C LYS A 264 29.93 16.65 -1.68
N ASP A 265 29.91 16.46 -3.00
CA ASP A 265 30.56 15.32 -3.64
C ASP A 265 32.01 15.20 -3.18
N ASP A 266 32.69 16.34 -3.12
CA ASP A 266 34.12 16.37 -2.79
C ASP A 266 34.47 15.85 -1.40
N VAL A 267 33.53 15.94 -0.47
CA VAL A 267 33.74 15.37 0.85
C VAL A 267 33.87 13.84 0.77
N ILE A 268 33.04 13.22 -0.05
CA ILE A 268 33.08 11.77 -0.21
C ILE A 268 34.37 11.36 -0.90
N ALA A 269 34.75 12.10 -1.94
CA ALA A 269 36.00 11.79 -2.65
C ALA A 269 37.20 11.92 -1.72
N ALA A 270 37.20 12.97 -0.90
CA ALA A 270 38.26 13.16 0.10
C ALA A 270 38.31 12.07 1.15
N ALA A 271 37.15 11.69 1.69
CA ALA A 271 37.08 10.59 2.63
C ALA A 271 37.62 9.30 2.02
N THR A 272 37.31 9.08 0.74
CA THR A 272 37.79 7.90 0.04
C THR A 272 39.31 7.90 -0.09
N ARG A 273 39.89 9.04 -0.42
CA ARG A 273 41.36 9.16 -0.50
C ARG A 273 42.03 8.87 0.82
N ILE A 274 41.47 9.42 1.90
CA ILE A 274 41.99 9.19 3.23
C ILE A 274 41.90 7.72 3.63
N ALA A 275 40.74 7.10 3.37
CA ALA A 275 40.54 5.71 3.72
C ALA A 275 41.51 4.82 2.96
N SER A 276 41.67 5.10 1.67
CA SER A 276 42.52 4.29 0.82
C SER A 276 44.00 4.47 1.19
N ALA A 277 44.36 5.68 1.59
CA ALA A 277 45.72 5.96 2.04
C ALA A 277 46.02 5.26 3.36
N THR A 278 45.06 5.30 4.28
CA THR A 278 45.21 4.70 5.61
C THR A 278 45.42 3.20 5.50
N LEU A 279 44.70 2.57 4.58
CA LEU A 279 44.76 1.13 4.41
C LEU A 279 45.75 0.72 3.33
N ALA A 280 46.60 1.67 2.90
CA ALA A 280 47.63 1.39 1.91
C ALA A 280 48.64 0.37 2.41
N ALA B 21 1.19 -27.87 28.24
CA ALA B 21 0.75 -27.68 26.86
C ALA B 21 1.50 -28.62 25.92
N PRO B 22 0.76 -29.26 24.99
CA PRO B 22 1.38 -30.12 23.99
C PRO B 22 2.40 -29.34 23.17
N ALA B 23 3.57 -29.93 22.92
CA ALA B 23 4.65 -29.17 22.30
C ALA B 23 4.94 -29.60 20.86
N SER B 24 4.17 -30.54 20.34
CA SER B 24 4.27 -30.86 18.93
C SER B 24 2.88 -31.08 18.33
N PHE B 25 2.80 -31.03 17.01
CA PHE B 25 1.52 -31.28 16.34
C PHE B 25 0.98 -32.66 16.71
N ALA B 26 1.87 -33.66 16.69
CA ALA B 26 1.48 -35.03 16.97
C ALA B 26 0.94 -35.16 18.40
N ALA B 27 1.60 -34.52 19.35
CA ALA B 27 1.14 -34.54 20.74
C ALA B 27 -0.18 -33.80 20.91
N LEU B 28 -0.35 -32.70 20.18
CA LEU B 28 -1.58 -31.92 20.24
C LEU B 28 -2.75 -32.76 19.74
N GLU B 29 -2.52 -33.46 18.64
CA GLU B 29 -3.53 -34.35 18.07
C GLU B 29 -3.92 -35.43 19.07
N ARG B 30 -2.93 -36.00 19.77
CA ARG B 30 -3.20 -37.03 20.77
C ARG B 30 -4.02 -36.48 21.94
N ALA B 31 -3.66 -35.28 22.39
CA ALA B 31 -4.36 -34.62 23.49
C ALA B 31 -5.80 -34.29 23.12
N ALA B 32 -6.00 -33.80 21.91
CA ALA B 32 -7.33 -33.34 21.48
C ALA B 32 -8.23 -34.45 20.95
N GLY B 33 -7.64 -35.56 20.50
CA GLY B 33 -8.39 -36.54 19.73
C GLY B 33 -8.62 -36.00 18.32
N GLY B 34 -9.16 -36.84 17.44
CA GLY B 34 -9.44 -36.38 16.10
C GLY B 34 -8.24 -36.38 15.18
N ARG B 35 -8.32 -35.56 14.13
CA ARG B 35 -7.33 -35.57 13.06
C ARG B 35 -6.95 -34.14 12.74
N LEU B 36 -5.65 -33.84 12.87
CA LEU B 36 -5.14 -32.48 12.72
C LEU B 36 -4.27 -32.42 11.49
N GLY B 37 -4.42 -31.34 10.72
CA GLY B 37 -3.58 -31.13 9.55
C GLY B 37 -2.99 -29.73 9.57
N VAL B 38 -1.67 -29.64 9.44
CA VAL B 38 -1.00 -28.34 9.49
C VAL B 38 0.01 -28.22 8.37
N CYS B 39 0.03 -27.05 7.73
CA CYS B 39 1.15 -26.67 6.88
C CYS B 39 1.50 -25.22 7.16
N ALA B 40 2.72 -25.01 7.64
CA ALA B 40 3.23 -23.68 7.92
C ALA B 40 4.48 -23.51 7.08
N ILE B 41 4.54 -22.41 6.34
CA ILE B 41 5.67 -22.13 5.47
C ILE B 41 6.37 -20.85 5.90
N ASP B 42 7.67 -20.95 6.20
CA ASP B 42 8.47 -19.76 6.45
C ASP B 42 8.91 -19.24 5.09
N THR B 43 8.39 -18.10 4.68
CA THR B 43 8.63 -17.62 3.33
C THR B 43 10.04 -17.10 3.09
N ALA B 44 10.79 -16.88 4.17
CA ALA B 44 12.18 -16.43 4.04
C ALA B 44 13.05 -17.55 3.46
N THR B 45 12.88 -18.75 4.00
CA THR B 45 13.74 -19.89 3.69
C THR B 45 13.00 -20.90 2.83
N GLY B 46 11.68 -20.96 3.02
CA GLY B 46 10.88 -21.93 2.31
C GLY B 46 10.69 -23.20 3.11
N ARG B 47 11.30 -23.26 4.28
CA ARG B 47 11.15 -24.43 5.13
C ARG B 47 9.76 -24.51 5.74
N ARG B 48 9.34 -25.72 6.07
CA ARG B 48 7.95 -25.99 6.45
C ARG B 48 7.83 -26.70 7.80
N ALA B 49 6.70 -26.46 8.47
CA ALA B 49 6.31 -27.22 9.64
C ALA B 49 5.04 -27.95 9.24
N LEU B 50 5.03 -29.27 9.39
CA LEU B 50 4.00 -30.10 8.77
C LEU B 50 3.40 -31.13 9.71
N HIS B 51 2.11 -31.41 9.52
CA HIS B 51 1.49 -32.57 10.11
C HIS B 51 0.30 -32.95 9.24
N ARG B 52 0.30 -34.16 8.69
CA ARG B 52 -0.73 -34.60 7.75
C ARG B 52 -1.00 -33.55 6.67
N ALA B 53 0.05 -32.86 6.24
CA ALA B 53 -0.07 -31.75 5.31
C ALA B 53 -0.65 -32.12 3.95
N ASP B 54 -0.56 -33.39 3.57
CA ASP B 54 -1.06 -33.84 2.29
C ASP B 54 -2.34 -34.68 2.39
N GLU B 55 -2.94 -34.71 3.59
CA GLU B 55 -4.23 -35.38 3.79
C GLU B 55 -5.36 -34.41 3.47
N ARG B 56 -6.49 -34.94 2.97
CA ARG B 56 -7.65 -34.10 2.69
C ARG B 56 -8.48 -33.83 3.95
N PHE B 57 -8.97 -32.59 4.05
CA PHE B 57 -9.86 -32.17 5.13
C PHE B 57 -11.00 -31.37 4.53
N PRO B 58 -12.18 -31.42 5.17
CA PRO B 58 -13.31 -30.57 4.75
C PRO B 58 -13.00 -29.11 5.08
N PHE B 59 -13.00 -28.25 4.06
CA PHE B 59 -12.47 -26.89 4.27
C PHE B 59 -13.45 -25.92 4.91
N CYS B 60 -14.74 -26.27 4.84
CA CYS B 60 -15.80 -25.43 5.37
C CYS B 60 -15.64 -23.99 4.91
N SER B 61 -15.81 -23.02 5.79
CA SER B 61 -15.78 -21.61 5.35
C SER B 61 -14.44 -21.13 4.79
N THR B 62 -13.36 -21.90 4.96
CA THR B 62 -12.07 -21.40 4.50
C THR B 62 -12.00 -21.23 2.99
N PHE B 63 -12.91 -21.89 2.26
CA PHE B 63 -12.94 -21.73 0.81
C PHE B 63 -13.30 -20.30 0.43
N LYS B 64 -13.90 -19.56 1.36
CA LYS B 64 -14.33 -18.19 1.08
C LYS B 64 -13.18 -17.27 0.70
N ALA B 65 -11.97 -17.60 1.17
CA ALA B 65 -10.79 -16.86 0.71
C ALA B 65 -10.56 -17.10 -0.78
N MET B 66 -10.71 -18.34 -1.21
CA MET B 66 -10.58 -18.67 -2.63
C MET B 66 -11.68 -18.06 -3.47
N LEU B 67 -12.90 -18.04 -2.92
CA LEU B 67 -14.03 -17.42 -3.60
C LEU B 67 -13.77 -15.94 -3.80
N GLY B 68 -13.26 -15.25 -2.79
CA GLY B 68 -12.93 -13.85 -2.94
C GLY B 68 -11.88 -13.63 -4.00
N ALA B 69 -10.82 -14.45 -3.97
CA ALA B 69 -9.78 -14.41 -5.00
C ALA B 69 -10.37 -14.64 -6.39
N ALA B 70 -11.27 -15.61 -6.52
CA ALA B 70 -11.88 -15.88 -7.83
C ALA B 70 -12.70 -14.70 -8.37
N VAL B 71 -13.45 -14.04 -7.49
CA VAL B 71 -14.20 -12.84 -7.87
C VAL B 71 -13.26 -11.73 -8.28
N LEU B 72 -12.22 -11.49 -7.49
CA LEU B 72 -11.24 -10.47 -7.83
C LEU B 72 -10.57 -10.77 -9.17
N ALA B 73 -10.27 -12.05 -9.41
CA ALA B 73 -9.63 -12.41 -10.67
C ALA B 73 -10.57 -12.18 -11.86
N GLN B 74 -11.86 -12.41 -11.67
CA GLN B 74 -12.81 -12.15 -12.76
C GLN B 74 -12.92 -10.64 -12.99
N SER B 75 -12.70 -9.86 -11.93
CA SER B 75 -12.78 -8.40 -12.02
C SER B 75 -11.66 -7.79 -12.85
N VAL B 76 -10.58 -8.55 -13.06
CA VAL B 76 -9.50 -8.06 -13.91
C VAL B 76 -10.01 -7.95 -15.34
N ALA B 77 -10.65 -9.00 -15.83
CA ALA B 77 -11.28 -8.95 -17.15
C ALA B 77 -12.45 -7.96 -17.18
N HIS B 78 -13.25 -7.96 -16.13
CA HIS B 78 -14.43 -7.10 -16.05
C HIS B 78 -14.40 -6.24 -14.78
N PRO B 79 -13.73 -5.08 -14.84
CA PRO B 79 -13.61 -4.17 -13.70
C PRO B 79 -14.95 -3.74 -13.13
N GLY B 80 -16.01 -3.77 -13.94
CA GLY B 80 -17.33 -3.41 -13.46
C GLY B 80 -17.97 -4.43 -12.53
N LEU B 81 -17.41 -5.63 -12.49
CA LEU B 81 -17.98 -6.72 -11.70
C LEU B 81 -18.19 -6.36 -10.23
N LEU B 82 -17.18 -5.75 -9.61
CA LEU B 82 -17.21 -5.47 -8.18
C LEU B 82 -18.34 -4.51 -7.82
N GLN B 83 -18.80 -3.75 -8.82
CA GLN B 83 -19.86 -2.75 -8.67
C GLN B 83 -21.27 -3.31 -8.73
N GLN B 84 -21.41 -4.45 -9.40
CA GLN B 84 -22.73 -4.97 -9.70
C GLN B 84 -23.56 -5.22 -8.46
N ARG B 85 -24.81 -4.78 -8.49
CA ARG B 85 -25.71 -5.03 -7.38
C ARG B 85 -26.38 -6.38 -7.56
N VAL B 86 -26.42 -7.13 -6.46
CA VAL B 86 -27.02 -8.45 -6.44
C VAL B 86 -28.21 -8.36 -5.51
N THR B 87 -29.39 -8.62 -6.06
CA THR B 87 -30.57 -8.68 -5.24
C THR B 87 -30.82 -10.15 -4.95
N TYR B 88 -31.36 -10.39 -3.76
CA TYR B 88 -31.69 -11.75 -3.32
C TYR B 88 -32.92 -11.60 -2.43
N GLY B 89 -33.58 -12.72 -2.17
CA GLY B 89 -34.82 -12.68 -1.40
C GLY B 89 -34.73 -13.39 -0.07
N ARG B 90 -35.82 -13.31 0.70
CA ARG B 90 -35.91 -13.96 1.99
C ARG B 90 -35.56 -15.44 1.88
N SER B 91 -36.08 -16.11 0.85
CA SER B 91 -35.86 -17.55 0.70
C SER B 91 -34.47 -17.92 0.20
N ASP B 92 -33.67 -16.92 -0.16
CA ASP B 92 -32.26 -17.12 -0.50
C ASP B 92 -31.38 -17.15 0.74
N LEU B 93 -31.93 -16.74 1.88
CA LEU B 93 -31.12 -16.65 3.08
C LEU B 93 -30.91 -18.02 3.69
N VAL B 94 -29.64 -18.40 3.86
CA VAL B 94 -29.33 -19.64 4.57
C VAL B 94 -28.76 -19.29 5.93
N ASN B 95 -28.63 -20.30 6.80
CA ASN B 95 -28.11 -20.08 8.16
C ASN B 95 -26.75 -19.37 8.17
N TYR B 96 -26.54 -18.54 9.20
CA TYR B 96 -25.30 -17.78 9.42
C TYR B 96 -25.04 -16.75 8.33
N SER B 97 -25.97 -15.80 8.23
CA SER B 97 -25.87 -14.72 7.28
C SER B 97 -26.11 -13.39 7.98
N PRO B 98 -25.20 -12.99 8.87
CA PRO B 98 -25.44 -11.82 9.72
C PRO B 98 -25.43 -10.50 8.96
N VAL B 99 -24.77 -10.44 7.81
CA VAL B 99 -24.71 -9.21 7.05
C VAL B 99 -25.82 -9.16 6.01
N THR B 100 -25.94 -10.24 5.24
CA THR B 100 -26.93 -10.26 4.15
C THR B 100 -28.38 -10.24 4.63
N GLU B 101 -28.65 -10.71 5.85
CA GLU B 101 -30.01 -10.69 6.35
C GLU B 101 -30.47 -9.27 6.64
N ARG B 102 -29.53 -8.34 6.74
CA ARG B 102 -29.86 -6.94 7.00
C ARG B 102 -30.15 -6.14 5.72
N HIS B 103 -30.02 -6.79 4.57
CA HIS B 103 -30.07 -6.09 3.28
C HIS B 103 -30.91 -6.78 2.22
N VAL B 104 -31.88 -7.59 2.66
CA VAL B 104 -32.84 -8.19 1.75
C VAL B 104 -33.53 -7.12 0.87
N ASP B 105 -33.78 -5.95 1.45
CA ASP B 105 -34.51 -4.87 0.75
C ASP B 105 -33.70 -4.08 -0.28
N THR B 106 -32.41 -3.87 -0.05
CA THR B 106 -31.57 -3.14 -0.99
C THR B 106 -30.75 -4.04 -1.90
N GLY B 107 -30.47 -5.26 -1.44
CA GLY B 107 -29.43 -6.06 -2.07
C GLY B 107 -28.08 -5.49 -1.68
N MET B 108 -27.01 -6.07 -2.22
CA MET B 108 -25.65 -5.67 -1.89
C MET B 108 -24.78 -5.76 -3.14
N THR B 109 -23.70 -5.00 -3.21
CA THR B 109 -22.80 -5.14 -4.36
C THR B 109 -21.92 -6.37 -4.22
N VAL B 110 -21.37 -6.82 -5.34
CA VAL B 110 -20.41 -7.93 -5.36
C VAL B 110 -19.28 -7.68 -4.35
N ALA B 111 -18.71 -6.48 -4.33
CA ALA B 111 -17.63 -6.18 -3.40
C ALA B 111 -18.08 -6.27 -1.95
N GLU B 112 -19.29 -5.78 -1.68
CA GLU B 112 -19.86 -5.85 -0.34
C GLU B 112 -20.08 -7.30 0.08
N LEU B 113 -20.50 -8.14 -0.87
CA LEU B 113 -20.72 -9.55 -0.56
C LEU B 113 -19.39 -10.23 -0.27
N CYS B 114 -18.34 -9.85 -0.99
CA CYS B 114 -17.01 -10.41 -0.73
C CYS B 114 -16.55 -10.03 0.67
N ALA B 115 -16.72 -8.77 1.05
CA ALA B 115 -16.30 -8.35 2.38
C ALA B 115 -17.11 -9.10 3.44
N ALA B 116 -18.41 -9.26 3.20
CA ALA B 116 -19.26 -9.94 4.16
C ALA B 116 -18.86 -11.40 4.33
N THR B 117 -18.59 -12.07 3.21
CA THR B 117 -18.29 -13.49 3.28
C THR B 117 -16.90 -13.77 3.86
N ILE B 118 -15.94 -12.88 3.64
CA ILE B 118 -14.62 -13.11 4.22
C ILE B 118 -14.50 -12.62 5.67
N GLN B 119 -15.04 -11.43 5.96
CA GLN B 119 -14.85 -10.81 7.26
C GLN B 119 -15.84 -11.31 8.31
N TYR B 120 -17.05 -11.64 7.87
CA TYR B 120 -18.07 -12.14 8.79
C TYR B 120 -18.48 -13.57 8.49
N SER B 121 -17.87 -14.16 7.47
CA SER B 121 -18.13 -15.55 7.09
C SER B 121 -19.60 -15.75 6.71
N ASP B 122 -20.17 -14.73 6.10
CA ASP B 122 -21.58 -14.74 5.75
C ASP B 122 -21.87 -15.81 4.68
N ASN B 123 -22.78 -16.73 4.99
CA ASN B 123 -23.07 -17.85 4.09
C ASN B 123 -23.88 -17.48 2.86
N THR B 124 -24.91 -16.65 3.03
CA THR B 124 -25.71 -16.24 1.88
C THR B 124 -24.82 -15.44 0.93
N ALA B 125 -23.94 -14.62 1.47
CA ALA B 125 -23.04 -13.83 0.62
C ALA B 125 -22.23 -14.74 -0.30
N ALA B 126 -21.74 -15.86 0.24
CA ALA B 126 -20.99 -16.83 -0.55
C ALA B 126 -21.84 -17.43 -1.67
N ASN B 127 -23.04 -17.88 -1.33
CA ASN B 127 -23.96 -18.43 -2.34
C ASN B 127 -24.28 -17.42 -3.42
N GLU B 128 -24.53 -16.18 -3.04
CA GLU B 128 -24.91 -15.17 -4.02
C GLU B 128 -23.76 -14.82 -4.95
N LEU B 129 -22.54 -14.78 -4.41
CA LEU B 129 -21.36 -14.58 -5.26
C LEU B 129 -21.17 -15.75 -6.23
N MET B 130 -21.37 -16.97 -5.74
CA MET B 130 -21.20 -18.13 -6.59
C MET B 130 -22.23 -18.16 -7.71
N LYS B 131 -23.46 -17.73 -7.42
CA LYS B 131 -24.48 -17.64 -8.47
C LYS B 131 -24.04 -16.71 -9.59
N ARG B 132 -23.39 -15.61 -9.20
CA ARG B 132 -22.92 -14.64 -10.18
C ARG B 132 -21.74 -15.14 -11.03
N ILE B 133 -20.80 -15.88 -10.42
CA ILE B 133 -19.56 -16.19 -11.14
C ILE B 133 -19.46 -17.58 -11.74
N GLY B 134 -20.47 -18.42 -11.50
CA GLY B 134 -20.50 -19.72 -12.16
C GLY B 134 -20.53 -20.93 -11.24
N GLY B 135 -20.87 -20.72 -9.96
CA GLY B 135 -21.07 -21.83 -9.04
C GLY B 135 -19.80 -22.48 -8.52
N PRO B 136 -19.96 -23.60 -7.80
CA PRO B 136 -18.81 -24.34 -7.26
C PRO B 136 -17.79 -24.67 -8.32
N ALA B 137 -18.23 -24.99 -9.53
CA ALA B 137 -17.30 -25.34 -10.61
C ALA B 137 -16.38 -24.17 -10.97
N ALA B 138 -16.90 -22.94 -10.89
CA ALA B 138 -16.10 -21.75 -11.18
C ALA B 138 -15.00 -21.55 -10.15
N VAL B 139 -15.30 -21.81 -8.89
CA VAL B 139 -14.27 -21.67 -7.86
C VAL B 139 -13.20 -22.74 -8.02
N THR B 140 -13.61 -23.97 -8.33
CA THR B 140 -12.67 -25.06 -8.56
C THR B 140 -11.79 -24.74 -9.76
N ALA B 141 -12.42 -24.23 -10.81
CA ALA B 141 -11.70 -23.83 -12.01
C ALA B 141 -10.65 -22.77 -11.70
N TYR B 142 -11.03 -21.81 -10.85
CA TYR B 142 -10.08 -20.78 -10.44
C TYR B 142 -8.89 -21.37 -9.69
N ALA B 143 -9.16 -22.31 -8.79
CA ALA B 143 -8.07 -22.98 -8.08
C ALA B 143 -7.10 -23.65 -9.07
N ARG B 144 -7.64 -24.31 -10.09
CA ARG B 144 -6.77 -24.94 -11.09
C ARG B 144 -5.90 -23.90 -11.79
N SER B 145 -6.48 -22.72 -12.00
CA SER B 145 -5.79 -21.66 -12.74
C SER B 145 -4.57 -21.11 -12.00
N ILE B 146 -4.56 -21.25 -10.68
CA ILE B 146 -3.41 -20.80 -9.91
C ILE B 146 -2.52 -21.97 -9.47
N GLY B 147 -2.73 -23.14 -10.07
CA GLY B 147 -1.83 -24.27 -9.84
C GLY B 147 -2.25 -25.22 -8.75
N ASP B 148 -3.47 -25.08 -8.25
CA ASP B 148 -4.02 -25.97 -7.23
C ASP B 148 -4.88 -27.04 -7.90
N ASP B 149 -4.37 -28.27 -7.99
CA ASP B 149 -5.13 -29.37 -8.59
C ASP B 149 -5.81 -30.21 -7.53
N THR B 150 -5.70 -29.76 -6.28
CA THR B 150 -6.17 -30.52 -5.13
C THR B 150 -7.56 -30.05 -4.68
N PHE B 151 -7.71 -28.74 -4.56
CA PHE B 151 -8.96 -28.13 -4.12
C PHE B 151 -10.16 -28.60 -4.94
N ARG B 152 -11.26 -28.96 -4.27
CA ARG B 152 -12.51 -29.16 -4.98
C ARG B 152 -13.70 -28.63 -4.19
N LEU B 153 -14.44 -27.73 -4.81
CA LEU B 153 -15.71 -27.24 -4.26
C LEU B 153 -16.85 -27.88 -5.05
N ASP B 154 -17.73 -28.57 -4.33
CA ASP B 154 -18.73 -29.42 -4.95
C ASP B 154 -20.15 -28.93 -4.69
N ARG B 155 -20.33 -28.31 -3.52
CA ARG B 155 -21.66 -27.99 -3.06
C ARG B 155 -21.76 -26.53 -2.62
N TRP B 156 -22.96 -26.13 -2.23
CA TRP B 156 -23.25 -24.75 -1.83
C TRP B 156 -23.36 -24.66 -0.30
N GLU B 157 -23.54 -23.46 0.23
CA GLU B 157 -23.82 -23.29 1.66
C GLU B 157 -25.27 -23.66 1.94
N THR B 158 -25.57 -24.39 3.02
CA THR B 158 -24.59 -24.84 4.02
C THR B 158 -24.19 -26.30 3.88
N GLU B 159 -24.69 -26.98 2.85
CA GLU B 159 -24.41 -28.40 2.67
C GLU B 159 -22.91 -28.73 2.60
N LEU B 160 -22.10 -27.80 2.12
CA LEU B 160 -20.67 -28.06 1.97
C LEU B 160 -19.93 -28.29 3.30
N ASN B 161 -20.62 -28.07 4.42
CA ASN B 161 -19.99 -28.23 5.74
C ASN B 161 -20.33 -29.55 6.42
N THR B 162 -20.90 -30.50 5.67
CA THR B 162 -21.25 -31.79 6.29
C THR B 162 -20.04 -32.56 6.84
N ALA B 163 -18.87 -32.37 6.20
CA ALA B 163 -17.60 -32.87 6.74
C ALA B 163 -17.60 -34.36 7.06
N LEU B 164 -18.25 -35.15 6.23
CA LEU B 164 -18.41 -36.59 6.49
C LEU B 164 -17.08 -37.29 6.33
N PRO B 165 -16.72 -38.15 7.30
CA PRO B 165 -15.49 -38.94 7.12
C PRO B 165 -15.59 -39.77 5.83
N GLY B 166 -14.54 -39.74 5.01
CA GLY B 166 -14.53 -40.53 3.80
C GLY B 166 -15.12 -39.85 2.57
N ASP B 167 -15.64 -38.64 2.75
CA ASP B 167 -16.22 -37.87 1.64
C ASP B 167 -15.17 -36.88 1.14
N LEU B 168 -14.88 -36.90 -0.16
CA LEU B 168 -13.89 -35.99 -0.71
C LEU B 168 -14.49 -34.69 -1.20
N ARG B 169 -15.83 -34.58 -1.20
CA ARG B 169 -16.45 -33.33 -1.61
C ARG B 169 -16.00 -32.20 -0.71
N ASP B 170 -15.75 -31.04 -1.30
CA ASP B 170 -15.48 -29.82 -0.53
C ASP B 170 -14.27 -29.99 0.40
N THR B 171 -13.20 -30.52 -0.18
CA THR B 171 -11.97 -30.74 0.57
C THR B 171 -10.77 -30.14 -0.12
N THR B 172 -9.73 -29.92 0.68
CA THR B 172 -8.41 -29.65 0.15
C THR B 172 -7.40 -30.19 1.14
N THR B 173 -6.10 -29.97 0.88
CA THR B 173 -5.07 -30.33 1.85
C THR B 173 -4.49 -29.07 2.49
N PRO B 174 -3.93 -29.21 3.70
CA PRO B 174 -3.27 -28.04 4.31
C PRO B 174 -2.17 -27.48 3.40
N ALA B 175 -1.38 -28.37 2.80
CA ALA B 175 -0.31 -27.94 1.91
C ALA B 175 -0.83 -27.17 0.68
N ALA B 176 -1.92 -27.64 0.09
CA ALA B 176 -2.45 -26.97 -1.08
C ALA B 176 -3.00 -25.60 -0.71
N MET B 177 -3.66 -25.50 0.43
CA MET B 177 -4.24 -24.22 0.80
C MET B 177 -3.14 -23.23 1.18
N ALA B 178 -2.09 -23.72 1.85
CA ALA B 178 -0.97 -22.87 2.20
C ALA B 178 -0.29 -22.35 0.92
N ALA B 179 -0.13 -23.22 -0.08
CA ALA B 179 0.45 -22.80 -1.35
C ALA B 179 -0.39 -21.74 -2.04
N ASN B 180 -1.71 -21.90 -1.97
CA ASN B 180 -2.61 -20.91 -2.56
C ASN B 180 -2.47 -19.54 -1.90
N LEU B 181 -2.47 -19.53 -0.57
CA LEU B 181 -2.32 -18.28 0.17
C LEU B 181 -0.99 -17.61 -0.12
N ARG B 182 0.06 -18.40 -0.30
CA ARG B 182 1.37 -17.83 -0.59
C ARG B 182 1.33 -17.07 -1.93
N VAL B 183 0.80 -17.71 -2.97
CA VAL B 183 0.81 -17.05 -4.29
C VAL B 183 -0.21 -15.92 -4.41
N LEU B 184 -1.33 -16.06 -3.71
CA LEU B 184 -2.37 -15.05 -3.74
C LEU B 184 -2.01 -13.81 -2.94
N VAL B 185 -1.47 -14.01 -1.74
CA VAL B 185 -1.22 -12.89 -0.83
C VAL B 185 0.18 -12.33 -1.00
N LEU B 186 1.15 -13.20 -1.24
CA LEU B 186 2.55 -12.77 -1.27
C LEU B 186 3.16 -12.88 -2.66
N GLY B 187 2.42 -13.47 -3.58
CA GLY B 187 2.93 -13.71 -4.92
C GLY B 187 2.20 -12.87 -5.94
N ASP B 188 2.25 -13.27 -7.21
CA ASP B 188 1.62 -12.47 -8.25
C ASP B 188 0.45 -13.16 -8.95
N ALA B 189 -0.27 -14.02 -8.25
CA ALA B 189 -1.45 -14.64 -8.84
C ALA B 189 -2.50 -13.60 -9.22
N LEU B 190 -2.60 -12.55 -8.41
CA LEU B 190 -3.48 -11.43 -8.68
C LEU B 190 -2.66 -10.17 -8.99
N PRO B 191 -3.22 -9.26 -9.80
CA PRO B 191 -2.53 -7.98 -10.01
C PRO B 191 -2.50 -7.21 -8.69
N PRO B 192 -1.59 -6.24 -8.56
CA PRO B 192 -1.37 -5.54 -7.28
C PRO B 192 -2.64 -4.99 -6.62
N ALA B 193 -3.53 -4.40 -7.40
CA ALA B 193 -4.74 -3.80 -6.84
C ALA B 193 -5.62 -4.86 -6.18
N GLN B 194 -5.80 -5.99 -6.85
CA GLN B 194 -6.67 -7.03 -6.35
C GLN B 194 -6.01 -7.79 -5.20
N ARG B 195 -4.69 -7.93 -5.29
CA ARG B 195 -3.92 -8.52 -4.19
C ARG B 195 -4.12 -7.69 -2.92
N ALA B 196 -4.05 -6.37 -3.06
CA ALA B 196 -4.22 -5.49 -1.91
C ALA B 196 -5.62 -5.64 -1.32
N GLN B 197 -6.61 -5.81 -2.20
CA GLN B 197 -7.99 -5.96 -1.72
C GLN B 197 -8.19 -7.26 -0.96
N LEU B 198 -7.59 -8.35 -1.45
CA LEU B 198 -7.71 -9.63 -0.78
C LEU B 198 -7.09 -9.55 0.61
N ILE B 199 -5.94 -8.90 0.71
CA ILE B 199 -5.26 -8.72 1.98
C ILE B 199 -6.11 -7.90 2.94
N GLU B 200 -6.70 -6.82 2.44
CA GLU B 200 -7.58 -5.99 3.27
C GLU B 200 -8.72 -6.84 3.83
N TRP B 201 -9.34 -7.66 2.98
CA TRP B 201 -10.43 -8.50 3.45
C TRP B 201 -9.98 -9.50 4.51
N LEU B 202 -8.88 -10.20 4.27
CA LEU B 202 -8.37 -11.20 5.22
C LEU B 202 -7.92 -10.57 6.54
N ARG B 203 -7.24 -9.44 6.46
CA ARG B 203 -6.80 -8.77 7.69
C ARG B 203 -8.01 -8.35 8.51
N GLY B 204 -9.14 -8.13 7.84
CA GLY B 204 -10.37 -7.71 8.48
C GLY B 204 -11.29 -8.80 9.01
N ASN B 205 -10.80 -10.04 9.08
CA ASN B 205 -11.61 -11.12 9.66
C ASN B 205 -12.08 -10.69 11.04
N LYS B 206 -13.39 -10.75 11.28
CA LYS B 206 -13.95 -10.33 12.57
C LYS B 206 -14.28 -11.51 13.47
N VAL B 207 -14.20 -12.72 12.95
CA VAL B 207 -14.70 -13.86 13.71
C VAL B 207 -13.64 -14.95 14.03
N GLY B 208 -12.36 -14.57 14.04
CA GLY B 208 -11.30 -15.54 14.27
C GLY B 208 -10.39 -15.24 15.46
N ASP B 209 -10.85 -14.39 16.38
CA ASP B 209 -9.99 -13.99 17.50
C ASP B 209 -9.51 -15.13 18.40
N LYS B 210 -10.25 -16.23 18.45
CA LYS B 210 -9.88 -17.31 19.36
C LYS B 210 -9.04 -18.42 18.70
N ARG B 211 -8.69 -18.22 17.43
CA ARG B 211 -7.97 -19.25 16.69
C ARG B 211 -6.53 -18.86 16.37
N ILE B 212 -6.17 -18.67 15.11
CA ILE B 212 -4.79 -18.30 14.79
C ILE B 212 -4.38 -17.03 15.56
N ARG B 213 -5.27 -16.05 15.59
CA ARG B 213 -4.96 -14.79 16.27
C ARG B 213 -4.67 -14.97 17.77
N ALA B 214 -5.20 -16.04 18.36
CA ALA B 214 -4.96 -16.33 19.78
C ALA B 214 -3.61 -17.03 20.03
N GLY B 215 -2.95 -17.47 18.97
CA GLY B 215 -1.73 -18.25 19.12
C GLY B 215 -0.45 -17.60 18.64
N VAL B 216 -0.57 -16.34 18.19
N VAL B 216 -0.54 -16.42 18.04
CA VAL B 216 0.58 -15.51 17.84
CA VAL B 216 0.66 -15.80 17.49
C VAL B 216 0.74 -14.36 18.82
C VAL B 216 1.38 -14.99 18.56
N PRO B 217 1.97 -13.83 18.95
N PRO B 217 2.72 -14.89 18.47
CA PRO B 217 2.17 -12.62 19.75
CA PRO B 217 3.49 -14.02 19.38
C PRO B 217 1.36 -11.49 19.14
C PRO B 217 3.03 -12.56 19.31
N THR B 218 0.86 -10.58 19.97
N THR B 218 3.42 -11.76 20.30
CA THR B 218 0.01 -9.50 19.49
CA THR B 218 3.00 -10.35 20.33
C THR B 218 0.76 -8.54 18.57
C THR B 218 3.43 -9.56 19.11
N GLY B 219 2.08 -8.66 18.56
N GLY B 219 2.55 -8.70 18.62
CA GLY B 219 2.92 -7.89 17.66
CA GLY B 219 2.88 -7.78 17.55
C GLY B 219 2.78 -8.38 16.23
C GLY B 219 2.77 -8.37 16.16
N TRP B 220 2.41 -9.64 16.08
CA TRP B 220 2.22 -10.26 14.77
C TRP B 220 0.87 -9.83 14.19
N ARG B 221 0.86 -9.48 12.91
CA ARG B 221 -0.38 -9.13 12.21
C ARG B 221 -0.86 -10.34 11.46
N VAL B 222 -2.18 -10.52 11.42
CA VAL B 222 -2.75 -11.71 10.79
C VAL B 222 -3.81 -11.38 9.75
N GLY B 223 -3.75 -12.04 8.60
CA GLY B 223 -4.86 -12.04 7.66
C GLY B 223 -5.29 -13.50 7.50
N ASP B 224 -6.55 -13.80 7.79
CA ASP B 224 -6.94 -15.21 7.81
C ASP B 224 -8.41 -15.41 7.51
N LYS B 225 -8.76 -16.67 7.21
CA LYS B 225 -10.16 -17.07 7.08
C LYS B 225 -10.38 -18.35 7.88
N THR B 226 -11.33 -18.28 8.81
CA THR B 226 -11.72 -19.39 9.65
C THR B 226 -12.75 -20.30 8.95
N GLY B 227 -12.98 -21.48 9.53
CA GLY B 227 -14.07 -22.33 9.09
C GLY B 227 -14.48 -23.30 10.18
N THR B 228 -15.75 -23.68 10.20
CA THR B 228 -16.28 -24.61 11.20
C THR B 228 -17.33 -25.48 10.51
N GLY B 229 -17.41 -26.76 10.89
CA GLY B 229 -18.39 -27.63 10.26
C GLY B 229 -18.90 -28.68 11.22
N ASP B 230 -19.63 -29.62 10.60
CA ASP B 230 -20.04 -30.81 11.32
C ASP B 230 -18.80 -31.66 11.70
N TYR B 231 -19.01 -32.70 12.49
CA TYR B 231 -17.90 -33.52 13.01
C TYR B 231 -16.87 -32.66 13.74
N GLY B 232 -17.35 -31.59 14.38
CA GLY B 232 -16.48 -30.72 15.17
C GLY B 232 -15.33 -30.12 14.37
N THR B 233 -15.59 -29.88 13.08
CA THR B 233 -14.54 -29.41 12.19
C THR B 233 -14.17 -27.97 12.55
N THR B 234 -12.87 -27.73 12.75
CA THR B 234 -12.35 -26.45 13.22
C THR B 234 -11.13 -26.07 12.38
N ASN B 235 -11.24 -25.01 11.58
CA ASN B 235 -10.21 -24.65 10.61
C ASN B 235 -9.82 -23.18 10.71
N ASP B 236 -8.61 -22.85 10.26
CA ASP B 236 -8.21 -21.46 10.10
C ASP B 236 -7.00 -21.45 9.19
N VAL B 237 -7.02 -20.61 8.16
CA VAL B 237 -5.89 -20.52 7.24
C VAL B 237 -5.55 -19.06 7.02
N GLY B 238 -4.26 -18.75 6.92
CA GLY B 238 -3.91 -17.38 6.66
C GLY B 238 -2.43 -17.07 6.57
N VAL B 239 -2.13 -15.79 6.59
CA VAL B 239 -0.77 -15.30 6.54
C VAL B 239 -0.47 -14.50 7.80
N LEU B 240 0.72 -14.73 8.37
CA LEU B 240 1.12 -14.09 9.61
C LEU B 240 2.30 -13.19 9.29
N TRP B 241 2.22 -11.92 9.69
CA TRP B 241 3.33 -10.98 9.48
C TRP B 241 3.95 -10.59 10.82
N PRO B 242 5.08 -11.22 11.18
CA PRO B 242 5.80 -10.82 12.39
C PRO B 242 6.48 -9.46 12.20
N PRO B 243 6.72 -8.72 13.28
CA PRO B 243 7.19 -7.34 13.17
C PRO B 243 8.52 -7.22 12.44
N SER B 244 9.44 -8.16 12.70
CA SER B 244 10.79 -8.00 12.19
C SER B 244 11.32 -9.16 11.34
N ARG B 245 10.42 -9.97 10.77
CA ARG B 245 10.85 -11.05 9.90
C ARG B 245 9.85 -11.33 8.80
N ALA B 246 10.23 -12.21 7.87
CA ALA B 246 9.41 -12.52 6.71
C ALA B 246 8.13 -13.21 7.14
N PRO B 247 7.06 -13.09 6.34
CA PRO B 247 5.79 -13.68 6.77
C PRO B 247 5.81 -15.21 6.75
N ILE B 248 4.91 -15.78 7.54
CA ILE B 248 4.72 -17.22 7.59
C ILE B 248 3.30 -17.50 7.09
N VAL B 249 3.16 -18.46 6.18
CA VAL B 249 1.83 -18.88 5.73
C VAL B 249 1.42 -20.08 6.57
N LEU B 250 0.18 -20.08 7.06
CA LEU B 250 -0.25 -21.13 7.98
C LEU B 250 -1.64 -21.65 7.65
N ALA B 251 -1.74 -22.95 7.37
CA ALA B 251 -3.05 -23.55 7.15
C ALA B 251 -3.28 -24.62 8.21
N VAL B 252 -4.37 -24.51 8.95
CA VAL B 252 -4.69 -25.48 9.99
C VAL B 252 -6.09 -26.05 9.78
N TYR B 253 -6.17 -27.38 9.65
CA TYR B 253 -7.45 -28.05 9.52
C TYR B 253 -7.57 -29.09 10.62
N TYR B 254 -8.76 -29.24 11.16
CA TYR B 254 -8.98 -30.17 12.25
C TYR B 254 -10.39 -30.74 12.20
N THR B 255 -10.51 -32.05 12.38
CA THR B 255 -11.84 -32.64 12.38
C THR B 255 -11.88 -33.82 13.33
N GLN B 256 -13.08 -34.24 13.73
CA GLN B 256 -13.21 -35.21 14.83
C GLN B 256 -14.10 -36.38 14.44
N THR B 257 -14.16 -37.40 15.29
CA THR B 257 -14.77 -38.66 14.89
C THR B 257 -16.29 -38.68 15.07
N ARG B 258 -16.80 -37.96 16.07
CA ARG B 258 -18.23 -37.93 16.34
C ARG B 258 -18.93 -36.80 15.57
N ALA B 259 -20.10 -37.07 15.01
CA ALA B 259 -20.82 -36.07 14.24
C ALA B 259 -21.21 -34.83 15.04
N ASP B 260 -21.52 -35.02 16.32
CA ASP B 260 -21.93 -33.91 17.16
C ASP B 260 -20.79 -33.38 18.02
N ALA B 261 -19.55 -33.61 17.59
CA ALA B 261 -18.40 -33.09 18.31
C ALA B 261 -18.45 -31.57 18.34
N LYS B 262 -17.86 -30.97 19.37
CA LYS B 262 -17.82 -29.53 19.49
C LYS B 262 -16.53 -29.02 18.88
N ALA B 263 -16.63 -27.91 18.16
CA ALA B 263 -15.44 -27.27 17.58
C ALA B 263 -14.46 -26.90 18.70
N LYS B 264 -13.18 -26.89 18.39
CA LYS B 264 -12.15 -26.62 19.38
C LYS B 264 -11.23 -25.48 18.97
N ASP B 265 -11.62 -24.25 19.31
CA ASP B 265 -10.82 -23.06 18.99
C ASP B 265 -9.40 -23.25 19.50
N ASP B 266 -9.27 -23.79 20.71
CA ASP B 266 -7.97 -23.87 21.36
C ASP B 266 -6.98 -24.79 20.65
N VAL B 267 -7.51 -25.77 19.91
CA VAL B 267 -6.64 -26.63 19.11
C VAL B 267 -5.95 -25.81 18.02
N ILE B 268 -6.69 -24.89 17.41
CA ILE B 268 -6.09 -24.06 16.38
C ILE B 268 -5.07 -23.09 16.97
N ALA B 269 -5.42 -22.48 18.10
CA ALA B 269 -4.48 -21.58 18.78
C ALA B 269 -3.20 -22.33 19.18
N ALA B 270 -3.36 -23.56 19.70
CA ALA B 270 -2.20 -24.37 20.06
C ALA B 270 -1.33 -24.74 18.87
N ALA B 271 -1.95 -25.15 17.78
CA ALA B 271 -1.22 -25.49 16.56
C ALA B 271 -0.44 -24.27 16.08
N THR B 272 -1.05 -23.09 16.20
CA THR B 272 -0.41 -21.86 15.79
C THR B 272 0.83 -21.57 16.62
N ARG B 273 0.71 -21.74 17.94
CA ARG B 273 1.85 -21.56 18.84
C ARG B 273 3.00 -22.49 18.48
N ILE B 274 2.66 -23.74 18.20
CA ILE B 274 3.67 -24.73 17.84
C ILE B 274 4.33 -24.39 16.51
N ALA B 275 3.55 -24.00 15.52
CA ALA B 275 4.10 -23.67 14.21
C ALA B 275 5.02 -22.45 14.31
N SER B 276 4.59 -21.47 15.10
CA SER B 276 5.34 -20.23 15.29
C SER B 276 6.67 -20.53 15.98
N ALA B 277 6.61 -21.37 17.01
CA ALA B 277 7.80 -21.74 17.75
C ALA B 277 8.79 -22.54 16.91
N THR B 278 8.26 -23.46 16.10
CA THR B 278 9.07 -24.31 15.22
C THR B 278 9.85 -23.47 14.22
N LEU B 279 9.19 -22.44 13.69
CA LEU B 279 9.79 -21.61 12.64
C LEU B 279 10.47 -20.37 13.21
N ALA B 280 10.61 -20.33 14.54
CA ALA B 280 11.26 -19.21 15.22
C ALA B 280 12.73 -19.14 14.87
N ALA C 21 -25.79 20.13 -28.35
CA ALA C 21 -25.30 19.72 -27.04
C ALA C 21 -26.13 18.56 -26.49
N PRO C 22 -25.45 17.57 -25.89
CA PRO C 22 -26.13 16.44 -25.26
C PRO C 22 -27.10 16.92 -24.18
N ALA C 23 -28.31 16.37 -24.16
CA ALA C 23 -29.36 16.92 -23.30
C ALA C 23 -29.67 16.05 -22.09
N SER C 24 -29.01 14.90 -21.99
CA SER C 24 -29.14 14.06 -20.81
C SER C 24 -27.78 13.52 -20.38
N PHE C 25 -27.70 13.06 -19.14
CA PHE C 25 -26.45 12.47 -18.64
C PHE C 25 -26.05 11.28 -19.50
N ALA C 26 -27.02 10.44 -19.84
CA ALA C 26 -26.72 9.26 -20.65
C ALA C 26 -26.18 9.65 -22.03
N ALA C 27 -26.78 10.66 -22.65
CA ALA C 27 -26.32 11.16 -23.94
C ALA C 27 -24.92 11.77 -23.87
N LEU C 28 -24.66 12.50 -22.79
CA LEU C 28 -23.36 13.10 -22.57
C LEU C 28 -22.26 12.03 -22.43
N GLU C 29 -22.57 10.97 -21.69
CA GLU C 29 -21.65 9.85 -21.53
C GLU C 29 -21.36 9.18 -22.87
N ARG C 30 -22.38 9.05 -23.72
CA ARG C 30 -22.19 8.44 -25.03
C ARG C 30 -21.32 9.32 -25.93
N ALA C 31 -21.53 10.63 -25.86
CA ALA C 31 -20.75 11.58 -26.64
C ALA C 31 -19.29 11.59 -26.19
N ALA C 32 -19.09 11.60 -24.88
CA ALA C 32 -17.74 11.76 -24.33
C ALA C 32 -16.95 10.46 -24.27
N GLY C 33 -17.65 9.33 -24.26
CA GLY C 33 -17.01 8.06 -23.95
C GLY C 33 -16.72 7.97 -22.47
N GLY C 34 -16.29 6.82 -21.99
CA GLY C 34 -15.97 6.68 -20.59
C GLY C 34 -17.18 6.42 -19.72
N ARG C 35 -17.07 6.76 -18.44
CA ARG C 35 -18.07 6.43 -17.43
C ARG C 35 -18.32 7.66 -16.56
N LEU C 36 -19.57 8.12 -16.55
CA LEU C 36 -19.97 9.37 -15.90
C LEU C 36 -20.87 9.05 -14.70
N GLY C 37 -20.63 9.73 -13.58
CA GLY C 37 -21.46 9.56 -12.40
C GLY C 37 -21.95 10.91 -11.90
N VAL C 38 -23.26 11.06 -11.70
CA VAL C 38 -23.81 12.33 -11.24
C VAL C 38 -24.83 12.10 -10.14
N CYS C 39 -24.73 12.90 -9.09
CA CYS C 39 -25.82 13.02 -8.14
C CYS C 39 -26.05 14.49 -7.84
N ALA C 40 -27.23 14.99 -8.21
CA ALA C 40 -27.60 16.37 -7.92
C ALA C 40 -28.86 16.31 -7.06
N ILE C 41 -28.86 17.06 -5.96
CA ILE C 41 -29.97 17.05 -5.01
C ILE C 41 -30.55 18.45 -4.92
N ASP C 42 -31.85 18.59 -5.18
CA ASP C 42 -32.53 19.86 -4.94
C ASP C 42 -32.95 19.86 -3.48
N THR C 43 -32.34 20.73 -2.68
CA THR C 43 -32.55 20.66 -1.24
C THR C 43 -33.90 21.21 -0.81
N ALA C 44 -34.58 21.91 -1.71
CA ALA C 44 -35.92 22.39 -1.40
C ALA C 44 -36.90 21.23 -1.34
N THR C 45 -36.85 20.38 -2.37
CA THR C 45 -37.84 19.33 -2.56
C THR C 45 -37.30 17.94 -2.27
N GLY C 46 -35.98 17.79 -2.36
CA GLY C 46 -35.36 16.48 -2.17
C GLY C 46 -35.34 15.70 -3.46
N ARG C 47 -35.78 16.31 -4.55
CA ARG C 47 -35.72 15.67 -5.85
C ARG C 47 -34.25 15.49 -6.24
N ARG C 48 -33.96 14.41 -6.94
CA ARG C 48 -32.60 14.09 -7.35
C ARG C 48 -32.47 13.97 -8.87
N ALA C 49 -31.31 14.34 -9.41
CA ALA C 49 -30.96 14.06 -10.79
C ALA C 49 -29.75 13.14 -10.74
N LEU C 50 -29.87 11.98 -11.38
CA LEU C 50 -28.94 10.88 -11.14
C LEU C 50 -28.42 10.21 -12.42
N HIS C 51 -27.16 9.77 -12.38
CA HIS C 51 -26.64 8.87 -13.40
C HIS C 51 -25.52 8.09 -12.74
N ARG C 52 -25.63 6.76 -12.73
CA ARG C 52 -24.65 5.90 -12.03
C ARG C 52 -24.32 6.43 -10.62
N ALA C 53 -25.32 6.97 -9.94
CA ALA C 53 -25.09 7.64 -8.66
C ALA C 53 -24.58 6.73 -7.55
N ASP C 54 -24.79 5.42 -7.71
CA ASP C 54 -24.36 4.45 -6.70
C ASP C 54 -23.16 3.62 -7.16
N GLU C 55 -22.54 4.03 -8.27
CA GLU C 55 -21.30 3.37 -8.71
C GLU C 55 -20.10 4.02 -8.06
N ARG C 56 -19.03 3.25 -7.88
CA ARG C 56 -17.81 3.80 -7.31
C ARG C 56 -16.94 4.48 -8.37
N PHE C 57 -16.34 5.61 -8.01
CA PHE C 57 -15.41 6.32 -8.87
C PHE C 57 -14.21 6.71 -8.03
N PRO C 58 -13.02 6.81 -8.66
CA PRO C 58 -11.84 7.31 -7.95
C PRO C 58 -12.01 8.80 -7.67
N PHE C 59 -11.95 9.20 -6.40
CA PHE C 59 -12.33 10.57 -6.08
C PHE C 59 -11.24 11.62 -6.31
N CYS C 60 -9.99 11.18 -6.39
CA CYS C 60 -8.85 12.07 -6.59
C CYS C 60 -8.93 13.23 -5.61
N SER C 61 -8.66 14.46 -6.05
CA SER C 61 -8.57 15.58 -5.09
C SER C 61 -9.86 15.91 -4.37
N THR C 62 -11.00 15.37 -4.79
CA THR C 62 -12.27 15.76 -4.15
C THR C 62 -12.32 15.34 -2.69
N PHE C 63 -11.49 14.38 -2.28
CA PHE C 63 -11.48 13.98 -0.88
C PHE C 63 -10.99 15.11 0.01
N LYS C 64 -10.34 16.11 -0.57
CA LYS C 64 -9.77 17.19 0.24
C LYS C 64 -10.85 17.99 0.96
N ALA C 65 -12.07 17.98 0.41
CA ALA C 65 -13.19 18.58 1.09
C ALA C 65 -13.47 17.82 2.38
N MET C 66 -13.42 16.49 2.31
CA MET C 66 -13.62 15.65 3.50
C MET C 66 -12.48 15.81 4.49
N LEU C 67 -11.25 15.92 3.98
CA LEU C 67 -10.09 16.13 4.82
C LEU C 67 -10.22 17.43 5.60
N GLY C 68 -10.63 18.50 4.93
CA GLY C 68 -10.85 19.77 5.59
C GLY C 68 -11.90 19.65 6.68
N ALA C 69 -13.01 18.98 6.37
CA ALA C 69 -14.05 18.76 7.37
C ALA C 69 -13.52 17.93 8.55
N ALA C 70 -12.70 16.92 8.27
CA ALA C 70 -12.14 16.09 9.33
C ALA C 70 -11.26 16.90 10.28
N VAL C 71 -10.43 17.77 9.71
CA VAL C 71 -9.58 18.66 10.50
C VAL C 71 -10.43 19.59 11.33
N LEU C 72 -11.43 20.22 10.70
CA LEU C 72 -12.34 21.11 11.42
C LEU C 72 -13.05 20.38 12.54
N ALA C 73 -13.49 19.15 12.29
CA ALA C 73 -14.15 18.37 13.33
C ALA C 73 -13.20 18.05 14.50
N GLN C 74 -11.95 17.76 14.21
CA GLN C 74 -10.99 17.52 15.29
C GLN C 74 -10.77 18.79 16.11
N SER C 75 -10.88 19.96 15.46
CA SER C 75 -10.64 21.24 16.11
C SER C 75 -11.74 21.60 17.12
N VAL C 76 -12.86 20.89 17.07
CA VAL C 76 -13.93 21.16 18.03
C VAL C 76 -13.50 20.68 19.41
N ALA C 77 -12.92 19.49 19.46
CA ALA C 77 -12.39 18.97 20.72
C ALA C 77 -11.07 19.66 21.08
N HIS C 78 -10.29 20.03 20.07
CA HIS C 78 -9.03 20.73 20.29
C HIS C 78 -8.92 22.01 19.46
N PRO C 79 -9.48 23.11 19.98
CA PRO C 79 -9.50 24.42 19.30
C PRO C 79 -8.11 24.91 18.87
N GLY C 80 -7.07 24.52 19.59
CA GLY C 80 -5.72 24.93 19.25
C GLY C 80 -5.15 24.27 18.00
N LEU C 81 -5.83 23.23 17.51
CA LEU C 81 -5.34 22.48 16.37
C LEU C 81 -5.09 23.35 15.13
N LEU C 82 -6.02 24.25 14.82
CA LEU C 82 -5.92 25.07 13.61
C LEU C 82 -4.72 26.00 13.62
N GLN C 83 -4.21 26.26 14.83
CA GLN C 83 -3.06 27.15 15.06
C GLN C 83 -1.71 26.48 14.88
N GLN C 84 -1.69 25.16 15.06
CA GLN C 84 -0.44 24.43 15.13
C GLN C 84 0.37 24.58 13.86
N ARG C 85 1.66 24.88 14.04
CA ARG C 85 2.56 25.01 12.92
C ARG C 85 3.11 23.66 12.52
N VAL C 86 3.07 23.38 11.23
CA VAL C 86 3.55 22.11 10.67
C VAL C 86 4.77 22.41 9.82
N THR C 87 5.91 21.86 10.21
CA THR C 87 7.10 22.03 9.40
C THR C 87 7.28 20.76 8.56
N TYR C 88 7.79 20.95 7.36
CA TYR C 88 8.03 19.84 6.44
C TYR C 88 9.27 20.17 5.64
N GLY C 89 9.85 19.18 4.99
CA GLY C 89 11.08 19.40 4.26
C GLY C 89 10.97 19.29 2.75
N ARG C 90 12.09 19.54 2.08
CA ARG C 90 12.15 19.47 0.62
C ARG C 90 11.65 18.11 0.15
N SER C 91 12.08 17.06 0.83
CA SER C 91 11.74 15.70 0.40
C SER C 91 10.32 15.28 0.74
N ASP C 92 9.61 16.13 1.49
CA ASP C 92 8.18 15.95 1.75
C ASP C 92 7.32 16.48 0.60
N LEU C 93 7.91 17.27 -0.29
CA LEU C 93 7.14 17.87 -1.36
C LEU C 93 6.81 16.85 -2.45
N VAL C 94 5.52 16.70 -2.75
CA VAL C 94 5.12 15.83 -3.84
C VAL C 94 4.62 16.71 -4.98
N ASN C 95 4.40 16.11 -6.15
CA ASN C 95 3.90 16.85 -7.31
C ASN C 95 2.64 17.67 -7.02
N TYR C 96 2.53 18.83 -7.65
CA TYR C 96 1.34 19.71 -7.56
C TYR C 96 1.16 20.31 -6.16
N SER C 97 2.18 21.03 -5.73
CA SER C 97 2.18 21.68 -4.41
C SER C 97 2.53 23.15 -4.54
N PRO C 98 1.65 23.94 -5.18
CA PRO C 98 2.01 25.32 -5.51
C PRO C 98 2.11 26.26 -4.31
N VAL C 99 1.42 25.95 -3.22
CA VAL C 99 1.49 26.78 -2.03
C VAL C 99 2.59 26.32 -1.09
N THR C 100 2.60 25.03 -0.78
CA THR C 100 3.55 24.49 0.19
C THR C 100 5.01 24.57 -0.28
N GLU C 101 5.23 24.56 -1.59
CA GLU C 101 6.60 24.66 -2.09
C GLU C 101 7.20 26.03 -1.82
N ARG C 102 6.34 27.00 -1.51
CA ARG C 102 6.80 28.37 -1.22
C ARG C 102 7.13 28.58 0.26
N HIS C 103 6.92 27.55 1.08
CA HIS C 103 7.04 27.71 2.54
C HIS C 103 7.78 26.58 3.24
N VAL C 104 8.72 25.95 2.52
CA VAL C 104 9.54 24.90 3.11
C VAL C 104 10.29 25.39 4.35
N ASP C 105 10.66 26.66 4.36
CA ASP C 105 11.50 27.21 5.44
C ASP C 105 10.74 27.74 6.67
N THR C 106 9.51 28.22 6.50
CA THR C 106 8.71 28.64 7.65
C THR C 106 7.82 27.51 8.15
N GLY C 107 7.40 26.63 7.25
CA GLY C 107 6.29 25.75 7.54
C GLY C 107 4.99 26.52 7.37
N MET C 108 3.87 25.88 7.68
CA MET C 108 2.55 26.49 7.55
C MET C 108 1.67 26.00 8.69
N THR C 109 0.68 26.78 9.09
CA THR C 109 -0.26 26.30 10.10
C THR C 109 -1.26 25.32 9.51
N VAL C 110 -1.86 24.53 10.40
CA VAL C 110 -2.91 23.59 10.02
C VAL C 110 -4.01 24.28 9.20
N ALA C 111 -4.45 25.46 9.65
CA ALA C 111 -5.49 26.17 8.91
C ALA C 111 -5.01 26.62 7.53
N GLU C 112 -3.76 27.06 7.44
CA GLU C 112 -3.19 27.45 6.16
C GLU C 112 -3.09 26.28 5.18
N LEU C 113 -2.72 25.11 5.70
CA LEU C 113 -2.67 23.90 4.89
C LEU C 113 -4.04 23.49 4.40
N CYS C 114 -5.07 23.68 5.24
CA CYS C 114 -6.44 23.40 4.82
C CYS C 114 -6.85 24.31 3.67
N ALA C 115 -6.56 25.60 3.81
CA ALA C 115 -6.90 26.54 2.75
C ALA C 115 -6.15 26.18 1.46
N ALA C 116 -4.87 25.82 1.59
CA ALA C 116 -4.05 25.48 0.43
C ALA C 116 -4.58 24.23 -0.26
N THR C 117 -4.95 23.23 0.52
CA THR C 117 -5.37 21.98 -0.09
C THR C 117 -6.76 22.08 -0.72
N ILE C 118 -7.65 22.91 -0.16
CA ILE C 118 -8.97 23.02 -0.76
C ILE C 118 -9.01 24.05 -1.90
N GLN C 119 -8.38 25.20 -1.67
CA GLN C 119 -8.44 26.29 -2.64
C GLN C 119 -7.50 26.12 -3.83
N TYR C 120 -6.32 25.56 -3.59
CA TYR C 120 -5.36 25.36 -4.67
C TYR C 120 -5.09 23.89 -4.95
N SER C 121 -5.75 23.01 -4.22
CA SER C 121 -5.63 21.56 -4.40
C SER C 121 -4.22 21.07 -4.14
N ASP C 122 -3.54 21.74 -3.21
CA ASP C 122 -2.13 21.48 -2.92
C ASP C 122 -1.94 20.06 -2.34
N ASN C 123 -1.12 19.26 -3.00
CA ASN C 123 -0.98 17.86 -2.61
C ASN C 123 -0.15 17.63 -1.35
N THR C 124 0.95 18.35 -1.19
CA THR C 124 1.75 18.23 0.03
C THR C 124 0.93 18.67 1.23
N ALA C 125 0.11 19.70 1.05
CA ALA C 125 -0.71 20.21 2.16
C ALA C 125 -1.63 19.09 2.66
N ALA C 126 -2.19 18.32 1.73
CA ALA C 126 -3.04 17.18 2.09
C ALA C 126 -2.28 16.13 2.90
N ASN C 127 -1.12 15.73 2.38
CA ASN C 127 -0.28 14.75 3.10
C ASN C 127 0.10 15.22 4.49
N GLU C 128 0.48 16.48 4.62
CA GLU C 128 0.94 16.99 5.90
C GLU C 128 -0.20 17.06 6.90
N LEU C 129 -1.39 17.45 6.43
CA LEU C 129 -2.56 17.42 7.31
C LEU C 129 -2.88 15.99 7.75
N MET C 130 -2.77 15.03 6.82
CA MET C 130 -3.05 13.64 7.18
C MET C 130 -2.06 13.08 8.19
N LYS C 131 -0.79 13.46 8.07
CA LYS C 131 0.21 13.06 9.05
C LYS C 131 -0.16 13.55 10.45
N ARG C 132 -0.65 14.78 10.51
CA ARG C 132 -1.06 15.35 11.79
C ARG C 132 -2.30 14.67 12.39
N ILE C 133 -3.29 14.33 11.56
CA ILE C 133 -4.57 13.87 12.11
C ILE C 133 -4.79 12.35 12.17
N GLY C 134 -3.86 11.57 11.62
CA GLY C 134 -3.95 10.12 11.73
C GLY C 134 -4.07 9.37 10.42
N GLY C 135 -3.68 10.01 9.33
CA GLY C 135 -3.57 9.35 8.04
C GLY C 135 -4.88 9.05 7.32
N PRO C 136 -4.80 8.25 6.25
CA PRO C 136 -5.98 7.90 5.46
C PRO C 136 -7.07 7.28 6.32
N ALA C 137 -6.70 6.49 7.32
CA ALA C 137 -7.68 5.84 8.17
C ALA C 137 -8.50 6.87 8.97
N ALA C 138 -7.84 7.96 9.35
CA ALA C 138 -8.52 9.02 10.10
C ALA C 138 -9.57 9.72 9.23
N VAL C 139 -9.27 9.94 7.95
CA VAL C 139 -10.26 10.56 7.07
C VAL C 139 -11.44 9.61 6.86
N THR C 140 -11.14 8.33 6.68
CA THR C 140 -12.20 7.32 6.51
C THR C 140 -13.07 7.23 7.76
N ALA C 141 -12.44 7.20 8.93
CA ALA C 141 -13.19 7.20 10.19
C ALA C 141 -14.10 8.42 10.30
N TYR C 142 -13.62 9.58 9.89
CA TYR C 142 -14.44 10.78 9.93
C TYR C 142 -15.68 10.62 9.04
N ALA C 143 -15.49 10.11 7.82
CA ALA C 143 -16.62 9.83 6.95
C ALA C 143 -17.65 8.93 7.63
N ARG C 144 -17.20 7.86 8.28
CA ARG C 144 -18.12 6.97 9.00
C ARG C 144 -18.89 7.73 10.07
N SER C 145 -18.21 8.68 10.72
CA SER C 145 -18.82 9.45 11.80
C SER C 145 -19.96 10.37 11.33
N ILE C 146 -19.98 10.72 10.05
CA ILE C 146 -21.08 11.51 9.52
C ILE C 146 -22.05 10.68 8.69
N GLY C 147 -21.96 9.35 8.81
CA GLY C 147 -22.93 8.47 8.17
C GLY C 147 -22.61 8.00 6.77
N ASP C 148 -21.38 8.24 6.33
CA ASP C 148 -20.89 7.77 5.04
C ASP C 148 -20.13 6.46 5.24
N ASP C 149 -20.76 5.33 4.89
CA ASP C 149 -20.11 4.02 5.02
C ASP C 149 -19.50 3.60 3.69
N THR C 150 -19.52 4.51 2.73
CA THR C 150 -19.11 4.23 1.35
C THR C 150 -17.68 4.71 1.09
N PHE C 151 -17.41 5.96 1.43
CA PHE C 151 -16.10 6.58 1.25
C PHE C 151 -14.98 5.72 1.83
N ARG C 152 -13.92 5.51 1.06
CA ARG C 152 -12.70 4.94 1.62
C ARG C 152 -11.46 5.63 1.07
N LEU C 153 -10.63 6.16 1.97
CA LEU C 153 -9.33 6.71 1.61
C LEU C 153 -8.26 5.73 2.07
N ASP C 154 -7.45 5.28 1.13
CA ASP C 154 -6.51 4.18 1.38
C ASP C 154 -5.06 4.60 1.28
N ARG C 155 -4.78 5.57 0.42
CA ARG C 155 -3.41 5.94 0.10
C ARG C 155 -3.18 7.43 0.28
N TRP C 156 -1.95 7.86 0.02
CA TRP C 156 -1.55 9.26 0.19
C TRP C 156 -1.40 9.92 -1.19
N GLU C 157 -1.11 11.22 -1.21
CA GLU C 157 -0.78 11.88 -2.48
C GLU C 157 0.64 11.51 -2.89
N THR C 158 0.89 11.21 -4.18
CA THR C 158 -0.10 11.28 -5.27
C THR C 158 -0.64 9.93 -5.69
N GLU C 159 -0.25 8.88 -4.99
CA GLU C 159 -0.63 7.51 -5.38
C GLU C 159 -2.15 7.32 -5.44
N LEU C 160 -2.88 8.08 -4.62
CA LEU C 160 -4.33 7.89 -4.54
C LEU C 160 -5.04 8.24 -5.84
N ASN C 161 -4.32 8.82 -6.79
CA ASN C 161 -4.92 9.24 -8.05
C ASN C 161 -4.73 8.24 -9.20
N THR C 162 -4.27 7.03 -8.90
CA THR C 162 -4.04 6.05 -9.97
C THR C 162 -5.29 5.68 -10.74
N ALA C 163 -6.44 5.71 -10.07
CA ALA C 163 -7.75 5.60 -10.74
C ALA C 163 -7.86 4.34 -11.61
N LEU C 164 -7.28 3.24 -11.15
CA LEU C 164 -7.26 2.00 -11.94
C LEU C 164 -8.65 1.41 -12.03
N PRO C 165 -9.09 1.07 -13.26
CA PRO C 165 -10.38 0.38 -13.37
C PRO C 165 -10.37 -0.91 -12.55
N GLY C 166 -11.40 -1.13 -11.74
CA GLY C 166 -11.46 -2.35 -10.95
C GLY C 166 -10.89 -2.20 -9.55
N ASP C 167 -10.23 -1.07 -9.28
CA ASP C 167 -9.62 -0.84 -7.95
C ASP C 167 -10.59 -0.03 -7.09
N LEU C 168 -10.89 -0.52 -5.89
CA LEU C 168 -11.83 0.19 -5.02
C LEU C 168 -11.12 1.14 -4.06
N ARG C 169 -9.78 1.11 -4.03
CA ARG C 169 -9.08 2.04 -3.16
C ARG C 169 -9.40 3.48 -3.55
N ASP C 170 -9.56 4.35 -2.57
CA ASP C 170 -9.70 5.79 -2.84
C ASP C 170 -10.90 6.08 -3.73
N THR C 171 -12.03 5.48 -3.39
CA THR C 171 -13.26 5.67 -4.13
C THR C 171 -14.42 6.04 -3.23
N THR C 172 -15.40 6.64 -3.86
CA THR C 172 -16.72 6.81 -3.26
C THR C 172 -17.75 6.82 -4.37
N THR C 173 -19.00 7.07 -4.02
CA THR C 173 -20.05 7.18 -5.04
C THR C 173 -20.51 8.64 -5.11
N PRO C 174 -21.06 9.04 -6.28
CA PRO C 174 -21.61 10.40 -6.38
C PRO C 174 -22.68 10.64 -5.32
N ALA C 175 -23.58 9.68 -5.13
CA ALA C 175 -24.60 9.81 -4.10
C ALA C 175 -24.03 9.99 -2.69
N ALA C 176 -23.00 9.24 -2.33
CA ALA C 176 -22.45 9.34 -0.99
C ALA C 176 -21.75 10.69 -0.80
N MET C 177 -21.05 11.17 -1.83
CA MET C 177 -20.36 12.44 -1.68
C MET C 177 -21.37 13.58 -1.61
N ALA C 178 -22.44 13.50 -2.40
CA ALA C 178 -23.46 14.53 -2.38
C ALA C 178 -24.11 14.58 -1.00
N ALA C 179 -24.37 13.41 -0.44
CA ALA C 179 -24.94 13.35 0.91
C ALA C 179 -24.02 13.98 1.93
N ASN C 180 -22.71 13.77 1.80
CA ASN C 180 -21.78 14.38 2.72
C ASN C 180 -21.76 15.89 2.63
N LEU C 181 -21.72 16.40 1.41
CA LEU C 181 -21.73 17.84 1.22
C LEU C 181 -22.99 18.48 1.79
N ARG C 182 -24.12 17.79 1.64
CA ARG C 182 -25.39 18.32 2.14
C ARG C 182 -25.33 18.49 3.67
N VAL C 183 -24.85 17.46 4.37
CA VAL C 183 -24.85 17.53 5.82
C VAL C 183 -23.74 18.44 6.37
N LEU C 184 -22.62 18.49 5.67
CA LEU C 184 -21.48 19.30 6.09
C LEU C 184 -21.72 20.79 5.84
N VAL C 185 -22.23 21.12 4.65
CA VAL C 185 -22.37 22.51 4.24
C VAL C 185 -23.72 23.09 4.64
N LEU C 186 -24.77 22.29 4.52
CA LEU C 186 -26.13 22.80 4.76
C LEU C 186 -26.79 22.21 6.01
N GLY C 187 -26.12 21.23 6.61
CA GLY C 187 -26.65 20.54 7.78
C GLY C 187 -25.85 20.84 9.03
N ASP C 188 -25.97 19.98 10.04
CA ASP C 188 -25.32 20.25 11.32
C ASP C 188 -24.21 19.27 11.68
N ALA C 189 -23.57 18.67 10.68
CA ALA C 189 -22.46 17.76 10.97
C ALA C 189 -21.33 18.47 11.70
N LEU C 190 -21.13 19.74 11.34
CA LEU C 190 -20.17 20.60 12.00
C LEU C 190 -20.89 21.72 12.76
N PRO C 191 -20.28 22.20 13.85
CA PRO C 191 -20.81 23.35 14.57
C PRO C 191 -20.74 24.58 13.66
N PRO C 192 -21.56 25.61 13.92
CA PRO C 192 -21.68 26.75 13.01
C PRO C 192 -20.35 27.41 12.61
N ALA C 193 -19.42 27.56 13.55
CA ALA C 193 -18.15 28.21 13.23
C ALA C 193 -17.36 27.40 12.21
N GLN C 194 -17.32 26.10 12.40
CA GLN C 194 -16.55 25.24 11.52
C GLN C 194 -17.26 25.09 10.17
N ARG C 195 -18.59 25.03 10.20
CA ARG C 195 -19.38 24.99 8.97
C ARG C 195 -19.07 26.22 8.12
N ALA C 196 -19.06 27.40 8.75
CA ALA C 196 -18.75 28.64 8.05
C ALA C 196 -17.36 28.57 7.39
N GLN C 197 -16.40 28.01 8.13
CA GLN C 197 -15.04 27.93 7.61
C GLN C 197 -14.94 27.01 6.40
N LEU C 198 -15.64 25.88 6.46
CA LEU C 198 -15.63 24.95 5.33
C LEU C 198 -16.24 25.62 4.11
N ILE C 199 -17.34 26.34 4.30
CA ILE C 199 -17.97 27.06 3.22
C ILE C 199 -17.02 28.10 2.61
N GLU C 200 -16.35 28.87 3.46
CA GLU C 200 -15.38 29.86 2.99
C GLU C 200 -14.28 29.20 2.14
N TRP C 201 -13.77 28.06 2.59
CA TRP C 201 -12.74 27.39 1.82
C TRP C 201 -13.28 26.91 0.46
N LEU C 202 -14.44 26.25 0.46
CA LEU C 202 -15.01 25.74 -0.79
C LEU C 202 -15.38 26.87 -1.75
N ARG C 203 -15.93 27.96 -1.23
CA ARG C 203 -16.28 29.06 -2.13
C ARG C 203 -15.03 29.66 -2.76
N GLY C 204 -13.89 29.51 -2.07
CA GLY C 204 -12.64 30.06 -2.57
C GLY C 204 -11.81 29.16 -3.46
N ASN C 205 -12.39 28.08 -3.97
CA ASN C 205 -11.68 27.24 -4.94
C ASN C 205 -11.17 28.12 -6.09
N LYS C 206 -9.87 28.02 -6.37
CA LYS C 206 -9.25 28.84 -7.41
C LYS C 206 -8.98 28.09 -8.71
N VAL C 207 -9.17 26.78 -8.70
CA VAL C 207 -8.76 25.98 -9.86
C VAL C 207 -9.90 25.21 -10.53
N GLY C 208 -11.13 25.68 -10.35
CA GLY C 208 -12.28 24.98 -10.89
C GLY C 208 -13.14 25.78 -11.86
N ASP C 209 -12.59 26.85 -12.42
CA ASP C 209 -13.39 27.72 -13.29
C ASP C 209 -13.98 27.07 -14.54
N LYS C 210 -13.35 26.01 -15.04
CA LYS C 210 -13.81 25.41 -16.29
C LYS C 210 -14.75 24.24 -16.08
N ARG C 211 -15.08 23.96 -14.83
CA ARG C 211 -15.92 22.79 -14.51
C ARG C 211 -17.33 23.17 -14.05
N ILE C 212 -17.70 22.87 -12.80
CA ILE C 212 -19.05 23.22 -12.34
C ILE C 212 -19.33 24.71 -12.55
N ARG C 213 -18.35 25.55 -12.22
CA ARG C 213 -18.54 27.00 -12.33
C ARG C 213 -18.81 27.46 -13.77
N ALA C 214 -18.39 26.65 -14.74
CA ALA C 214 -18.64 26.96 -16.15
C ALA C 214 -20.01 26.50 -16.66
N GLY C 215 -20.72 25.68 -15.88
CA GLY C 215 -22.00 25.14 -16.34
C GLY C 215 -23.20 25.69 -15.60
N VAL C 216 -22.98 26.69 -14.75
N VAL C 216 -22.94 26.64 -14.72
CA VAL C 216 -24.07 27.39 -14.06
CA VAL C 216 -23.95 27.10 -13.80
C VAL C 216 -24.17 28.84 -14.55
C VAL C 216 -24.55 28.43 -14.32
N PRO C 217 -25.34 29.47 -14.37
N PRO C 217 -25.88 28.57 -14.21
CA PRO C 217 -25.39 30.91 -14.64
CA PRO C 217 -26.54 29.83 -14.58
C PRO C 217 -24.48 31.65 -13.65
C PRO C 217 -25.92 31.01 -13.83
N THR C 218 -23.92 32.80 -14.06
N THR C 218 -26.15 32.24 -14.28
CA THR C 218 -22.96 33.50 -13.22
CA THR C 218 -25.49 33.37 -13.62
C THR C 218 -23.58 34.05 -11.95
C THR C 218 -26.18 33.81 -12.34
N GLY C 219 -24.91 34.14 -11.94
N GLY C 219 -25.41 34.47 -11.49
CA GLY C 219 -25.64 34.57 -10.76
CA GLY C 219 -25.95 35.08 -10.29
C GLY C 219 -25.57 33.55 -9.65
C GLY C 219 -25.32 34.56 -9.00
N TRP C 220 -25.38 32.29 -10.02
CA TRP C 220 -25.28 31.21 -9.03
C TRP C 220 -23.92 31.28 -8.35
N ARG C 221 -23.90 31.11 -7.03
CA ARG C 221 -22.65 31.05 -6.29
C ARG C 221 -22.29 29.59 -6.08
N VAL C 222 -21.00 29.28 -6.15
CA VAL C 222 -20.55 27.89 -6.05
C VAL C 222 -19.47 27.71 -4.98
N GLY C 223 -19.62 26.67 -4.18
CA GLY C 223 -18.54 26.19 -3.32
C GLY C 223 -18.24 24.77 -3.76
N ASP C 224 -16.99 24.47 -4.12
CA ASP C 224 -16.73 23.17 -4.72
C ASP C 224 -15.30 22.72 -4.56
N LYS C 225 -15.06 21.43 -4.81
CA LYS C 225 -13.70 20.89 -4.83
C LYS C 225 -13.56 20.00 -6.06
N THR C 226 -12.60 20.34 -6.90
CA THR C 226 -12.32 19.60 -8.12
C THR C 226 -11.39 18.41 -7.85
N GLY C 227 -11.28 17.51 -8.83
CA GLY C 227 -10.26 16.47 -8.78
C GLY C 227 -9.93 15.96 -10.16
N THR C 228 -8.69 15.54 -10.37
CA THR C 228 -8.24 15.00 -11.66
C THR C 228 -7.28 13.85 -11.38
N GLY C 229 -7.27 12.83 -12.23
CA GLY C 229 -6.38 11.70 -12.02
C GLY C 229 -6.03 10.98 -13.31
N ASP C 230 -5.38 9.84 -13.05
CA ASP C 230 -5.04 9.02 -14.22
C ASP C 230 -6.32 8.49 -14.85
N TYR C 231 -6.18 7.82 -16.00
CA TYR C 231 -7.34 7.39 -16.77
C TYR C 231 -8.28 8.56 -17.10
N GLY C 232 -7.70 9.73 -17.28
CA GLY C 232 -8.46 10.92 -17.65
C GLY C 232 -9.58 11.23 -16.68
N THR C 233 -9.34 10.95 -15.40
CA THR C 233 -10.39 11.10 -14.40
C THR C 233 -10.63 12.60 -14.18
N THR C 234 -11.89 13.01 -14.22
CA THR C 234 -12.28 14.43 -14.15
C THR C 234 -13.46 14.58 -13.21
N ASN C 235 -13.26 15.21 -12.06
CA ASN C 235 -14.27 15.29 -11.01
C ASN C 235 -14.52 16.72 -10.53
N ASP C 236 -15.70 16.94 -9.97
CA ASP C 236 -16.00 18.20 -9.28
C ASP C 236 -17.22 17.97 -8.41
N VAL C 237 -17.13 18.32 -7.13
CA VAL C 237 -18.27 18.17 -6.23
C VAL C 237 -18.48 19.47 -5.46
N GLY C 238 -19.73 19.82 -5.22
CA GLY C 238 -19.98 21.02 -4.44
C GLY C 238 -21.43 21.39 -4.21
N VAL C 239 -21.61 22.62 -3.75
CA VAL C 239 -22.93 23.16 -3.47
C VAL C 239 -23.14 24.41 -4.31
N LEU C 240 -24.33 24.54 -4.90
CA LEU C 240 -24.66 25.63 -5.80
C LEU C 240 -25.77 26.42 -5.14
N TRP C 241 -25.57 27.73 -5.00
CA TRP C 241 -26.59 28.63 -4.45
C TRP C 241 -27.14 29.56 -5.53
N PRO C 242 -28.31 29.22 -6.09
CA PRO C 242 -28.97 30.13 -7.03
C PRO C 242 -29.53 31.36 -6.30
N PRO C 243 -29.68 32.48 -6.99
CA PRO C 243 -29.93 33.72 -6.25
C PRO C 243 -31.28 33.73 -5.53
N SER C 244 -32.29 33.07 -6.10
CA SER C 244 -33.61 33.11 -5.47
C SER C 244 -34.28 31.75 -5.28
N ARG C 245 -33.48 30.70 -5.12
CA ARG C 245 -34.03 29.41 -4.75
C ARG C 245 -33.09 28.62 -3.86
N ALA C 246 -33.57 27.49 -3.35
CA ALA C 246 -32.79 26.70 -2.40
C ALA C 246 -31.57 26.11 -3.08
N PRO C 247 -30.51 25.83 -2.30
CA PRO C 247 -29.30 25.33 -2.95
C PRO C 247 -29.45 23.91 -3.52
N ILE C 248 -28.57 23.61 -4.47
CA ILE C 248 -28.50 22.29 -5.08
C ILE C 248 -27.11 21.74 -4.74
N VAL C 249 -27.07 20.48 -4.30
CA VAL C 249 -25.81 19.81 -4.06
C VAL C 249 -25.48 19.00 -5.32
N LEU C 250 -24.23 19.06 -5.78
CA LEU C 250 -23.90 18.43 -7.05
C LEU C 250 -22.57 17.70 -6.97
N ALA C 251 -22.60 16.39 -7.21
CA ALA C 251 -21.36 15.62 -7.25
C ALA C 251 -21.22 15.03 -8.65
N VAL C 252 -20.11 15.35 -9.32
CA VAL C 252 -19.87 14.81 -10.65
C VAL C 252 -18.53 14.07 -10.69
N TYR C 253 -18.57 12.80 -11.09
CA TYR C 253 -17.36 12.01 -11.25
C TYR C 253 -17.30 11.46 -12.67
N TYR C 254 -16.10 11.40 -13.24
CA TYR C 254 -15.97 10.94 -14.62
C TYR C 254 -14.62 10.30 -14.82
N THR C 255 -14.63 9.15 -15.49
CA THR C 255 -13.35 8.48 -15.71
C THR C 255 -13.39 7.74 -17.05
N GLN C 256 -12.23 7.44 -17.61
CA GLN C 256 -12.17 6.95 -19.00
C GLN C 256 -11.39 5.66 -19.15
N THR C 257 -11.45 5.06 -20.33
CA THR C 257 -10.93 3.71 -20.53
C THR C 257 -9.41 3.61 -20.63
N ARG C 258 -8.78 4.56 -21.33
CA ARG C 258 -7.33 4.52 -21.57
C ARG C 258 -6.56 5.21 -20.45
N ALA C 259 -5.40 4.68 -20.07
CA ALA C 259 -4.64 5.22 -18.96
C ALA C 259 -4.15 6.64 -19.21
N ASP C 260 -3.88 6.94 -20.48
CA ASP C 260 -3.35 8.25 -20.84
C ASP C 260 -4.42 9.18 -21.40
N ALA C 261 -5.68 8.88 -21.12
CA ALA C 261 -6.79 9.74 -21.55
C ALA C 261 -6.61 11.15 -20.97
N LYS C 262 -7.10 12.15 -21.68
CA LYS C 262 -7.02 13.52 -21.21
C LYS C 262 -8.26 13.84 -20.38
N ALA C 263 -8.06 14.61 -19.31
CA ALA C 263 -9.18 15.11 -18.52
C ALA C 263 -10.09 15.95 -19.40
N LYS C 264 -11.39 15.93 -19.09
CA LYS C 264 -12.37 16.67 -19.89
C LYS C 264 -13.19 17.65 -19.07
N ASP C 265 -12.68 18.88 -18.94
CA ASP C 265 -13.39 19.93 -18.18
C ASP C 265 -14.82 20.08 -18.69
N ASP C 266 -14.95 20.05 -20.02
CA ASP C 266 -16.23 20.31 -20.67
C ASP C 266 -17.31 19.30 -20.30
N VAL C 267 -16.90 18.08 -19.98
CA VAL C 267 -17.84 17.06 -19.55
C VAL C 267 -18.47 17.45 -18.21
N ILE C 268 -17.69 18.01 -17.30
CA ILE C 268 -18.24 18.46 -16.02
C ILE C 268 -19.15 19.66 -16.20
N ALA C 269 -18.73 20.61 -17.03
CA ALA C 269 -19.58 21.78 -17.29
C ALA C 269 -20.92 21.35 -17.89
N ALA C 270 -20.87 20.40 -18.84
CA ALA C 270 -22.09 19.88 -19.49
C ALA C 270 -22.99 19.14 -18.51
N ALA C 271 -22.41 18.32 -17.65
CA ALA C 271 -23.18 17.61 -16.65
C ALA C 271 -23.85 18.60 -15.71
N THR C 272 -23.16 19.69 -15.42
CA THR C 272 -23.70 20.72 -14.54
C THR C 272 -24.89 21.43 -15.19
N ARG C 273 -24.78 21.72 -16.48
CA ARG C 273 -25.87 22.37 -17.21
C ARG C 273 -27.10 21.48 -17.22
N ILE C 274 -26.88 20.19 -17.47
CA ILE C 274 -27.97 19.22 -17.47
C ILE C 274 -28.65 19.10 -16.11
N ALA C 275 -27.83 19.02 -15.05
CA ALA C 275 -28.37 18.88 -13.69
C ALA C 275 -29.16 20.12 -13.31
N SER C 276 -28.62 21.28 -13.67
CA SER C 276 -29.26 22.56 -13.37
C SER C 276 -30.60 22.68 -14.10
N ALA C 277 -30.61 22.27 -15.36
CA ALA C 277 -31.82 22.31 -16.17
C ALA C 277 -32.88 21.34 -15.66
N THR C 278 -32.45 20.15 -15.27
CA THR C 278 -33.35 19.09 -14.78
C THR C 278 -34.05 19.55 -13.51
N LEU C 279 -33.31 20.24 -12.66
CA LEU C 279 -33.85 20.68 -11.37
C LEU C 279 -34.36 22.11 -11.45
N ALA C 280 -34.48 22.64 -12.66
CA ALA C 280 -35.00 23.99 -12.89
C ALA C 280 -36.48 24.09 -12.55
#